data_6CP5
#
_entry.id   6CP5
#
_cell.length_a   1.0
_cell.length_b   1.0
_cell.length_c   1.0
_cell.angle_alpha   90.00
_cell.angle_beta   90.00
_cell.angle_gamma   90.00
#
_symmetry.space_group_name_H-M   'P 1'
#
loop_
_entity.id
_entity.type
_entity.pdbx_description
1 polymer 'ATP synthase subunit 9, mitochondrial'
2 polymer 'ATP synthase protein 8'
3 polymer 'ATP synthase subunit a'
4 polymer 'ATP synthase subunit 4, mitochondrial'
5 polymer 'ATP synthase subunit d, mitochondrial'
6 polymer 'ATP synthase subunit f, mitochondrial'
7 polymer 'ATP synthase subunit J, mitochondrial'
8 non-polymer 'Oligomycin A'
#
loop_
_entity_poly.entity_id
_entity_poly.type
_entity_poly.pdbx_seq_one_letter_code
_entity_poly.pdbx_strand_id
1 'polypeptide(L)' (FME)QLVLAAKYIGAGISTIGLLGAGIGIAIVFAALINGVSRNPSIKDTVFPMAILGFALSEATGLFCLMVSFLLLFGV K,L,M,N,O,P,Q,R,S,T
2 'polypeptide(L)' MPQLVPFYFMNQLTYGFLLMITLLILFSQFFLPMILRLYVSRLFISKL 8
3 'polypeptide(L)'
;SPLDQFEIRTLFGLQSSFIDLSCLNLTTFSLYTIIVLLVITSLYTLTNNNNKIIGSRWLISQEAIYDTIMNMTKGQIGGK
NWGLYFPMIFTLFMFIFIANLISMIPYSFALSAHLVFIISLSIVIWLGNTILGLYKHGWVFFSLFVPAGTPLPLVPLLVI
IETLSYFARAISLGLRLGSNILAGHLLMVILAGLTFNFMLINLFTLVFGFVPLAMILAIMMLEFAIGIIQGYVWAILTAS
YLKDAVYLH
;
X
4 'polypeptide(L)'
;MSSTPEKQTDPKAKANSIINAIPGNNILTKTGVLGTSAAAVIYAISNELYVINDESILLLTFLGFTGLVAKYLAPAYKDF
ADARMKKVSDVLNASRNKHVEAVKDRIDSVSQLQNVAETTKVLFDVSKETVELESEAFELKQKVELAHEAKAVLDSWVRY
EASLRQLEQRQLAKSVISRVQSELGNPKFQEKVLQQSISEIEQLLSKLK
;
Z
5 'polypeptide(L)'
;SLAKSAANKLDWAKVISSLRITGSTATQLSSFKKRNDEARRQLLELQSQPTEVDFSHYRSVLKNTSVIDKIESYVKQYKP
VKIDASKQLQVIESFEKHAMTNAKETESLVSKELKDLQSTLDNIQSARPFDELTVDDLTKIKPEIDAKVEEMVKKGKWDV
PGYKDRFGNLNVM
;
7
6 'polypeptide(L)'
;VSTLIPPKVVSSKNIGSAPNAKRIANVVHFYKSLPQGPAPAIKANTRLARYKAKYFDGDNASGKPLWHFALGIIAFGYSM
EYYFHLRHHKGAEEH
;
U
7 'polypeptide(L)' MLKRFPTPILKVYWPFFVAGAAVYYGMSKAADLSSNT J
#
# COMPACT_ATOMS: atom_id res chain seq x y z
N GLN A 2 37.61 14.19 -10.34
CA GLN A 2 36.23 14.35 -9.89
C GLN A 2 35.40 13.13 -10.23
N LEU A 3 36.08 12.06 -10.67
CA LEU A 3 35.41 10.81 -10.96
C LEU A 3 35.25 9.93 -9.73
N VAL A 4 36.08 10.13 -8.71
CA VAL A 4 36.07 9.30 -7.52
C VAL A 4 34.86 9.61 -6.64
N LEU A 5 34.65 10.88 -6.31
CA LEU A 5 33.53 11.26 -5.45
C LEU A 5 32.17 11.07 -6.12
N ALA A 6 32.09 11.26 -7.43
CA ALA A 6 30.84 11.02 -8.14
C ALA A 6 30.50 9.53 -8.12
N ALA A 7 31.48 8.68 -8.37
CA ALA A 7 31.27 7.24 -8.33
C ALA A 7 30.96 6.77 -6.91
N LYS A 8 31.55 7.40 -5.90
CA LYS A 8 31.20 7.06 -4.52
C LYS A 8 29.73 7.34 -4.25
N TYR A 9 29.21 8.47 -4.74
CA TYR A 9 27.81 8.80 -4.52
C TYR A 9 26.90 7.83 -5.27
N ILE A 10 27.20 7.54 -6.53
CA ILE A 10 26.32 6.63 -7.26
C ILE A 10 26.44 5.21 -6.71
N GLY A 11 27.58 4.86 -6.12
CA GLY A 11 27.71 3.57 -5.47
C GLY A 11 26.90 3.48 -4.19
N ALA A 12 26.92 4.55 -3.39
CA ALA A 12 26.03 4.60 -2.23
C ALA A 12 24.57 4.53 -2.66
N GLY A 13 24.25 5.06 -3.84
CA GLY A 13 22.91 4.93 -4.38
C GLY A 13 22.53 3.51 -4.72
N ILE A 14 23.36 2.84 -5.54
CA ILE A 14 23.07 1.47 -5.96
C ILE A 14 23.08 0.50 -4.78
N SER A 15 23.95 0.73 -3.79
CA SER A 15 24.13 -0.22 -2.70
C SER A 15 23.08 -0.09 -1.61
N THR A 16 21.93 0.53 -1.90
CA THR A 16 20.93 0.77 -0.87
C THR A 16 19.60 0.09 -1.20
N ILE A 17 19.37 -0.33 -2.45
CA ILE A 17 18.10 -0.91 -2.85
C ILE A 17 17.99 -2.38 -2.50
N GLY A 18 18.96 -2.93 -1.77
CA GLY A 18 18.91 -4.33 -1.38
C GLY A 18 17.98 -4.64 -0.22
N LEU A 19 17.50 -3.62 0.50
CA LEU A 19 16.56 -3.83 1.58
C LEU A 19 15.17 -4.24 1.10
N LEU A 20 14.95 -4.24 -0.22
CA LEU A 20 13.74 -4.81 -0.80
C LEU A 20 13.43 -6.19 -0.23
N GLY A 21 14.42 -7.08 -0.26
CA GLY A 21 14.20 -8.44 0.19
C GLY A 21 13.92 -8.54 1.67
N ALA A 22 14.67 -7.82 2.49
CA ALA A 22 14.40 -7.83 3.93
C ALA A 22 13.00 -7.31 4.22
N GLY A 23 12.57 -6.26 3.51
CA GLY A 23 11.24 -5.73 3.74
C GLY A 23 10.14 -6.71 3.34
N ILE A 24 10.31 -7.38 2.19
CA ILE A 24 9.31 -8.35 1.77
C ILE A 24 9.31 -9.56 2.72
N GLY A 25 10.48 -9.93 3.21
CA GLY A 25 10.59 -11.09 4.08
C GLY A 25 9.99 -10.88 5.45
N ILE A 26 10.28 -9.76 6.09
CA ILE A 26 9.64 -9.50 7.38
C ILE A 26 8.13 -9.33 7.19
N ALA A 27 7.71 -8.81 6.04
CA ALA A 27 6.29 -8.68 5.76
C ALA A 27 5.61 -10.03 5.68
N ILE A 28 6.20 -10.98 4.94
CA ILE A 28 5.61 -12.31 4.88
C ILE A 28 5.73 -13.03 6.21
N VAL A 29 6.73 -12.68 7.04
CA VAL A 29 6.78 -13.25 8.39
C VAL A 29 5.56 -12.81 9.19
N PHE A 30 5.28 -11.51 9.18
CA PHE A 30 4.06 -11.04 9.85
C PHE A 30 2.81 -11.64 9.22
N ALA A 31 2.81 -11.84 7.90
CA ALA A 31 1.66 -12.42 7.23
C ALA A 31 1.42 -13.85 7.69
N ALA A 32 2.47 -14.65 7.79
CA ALA A 32 2.34 -16.01 8.28
C ALA A 32 1.93 -16.03 9.75
N LEU A 33 2.46 -15.10 10.55
CA LEU A 33 2.03 -15.00 11.94
C LEU A 33 0.53 -14.73 12.05
N ILE A 34 0.03 -13.82 11.21
CA ILE A 34 -1.40 -13.50 11.22
C ILE A 34 -2.22 -14.69 10.76
N ASN A 35 -1.82 -15.32 9.64
CA ASN A 35 -2.54 -16.47 9.13
C ASN A 35 -2.52 -17.65 10.10
N GLY A 36 -1.52 -17.72 10.97
CA GLY A 36 -1.44 -18.81 11.92
C GLY A 36 -2.19 -18.55 13.21
N VAL A 37 -2.14 -17.31 13.70
CA VAL A 37 -2.84 -17.02 14.95
C VAL A 37 -4.34 -16.96 14.75
N SER A 38 -4.80 -16.51 13.58
CA SER A 38 -6.24 -16.47 13.32
C SER A 38 -6.84 -17.87 13.21
N ARG A 39 -6.03 -18.85 12.85
CA ARG A 39 -6.52 -20.23 12.81
C ARG A 39 -6.52 -20.87 14.20
N ASN A 40 -5.59 -20.46 15.05
CA ASN A 40 -5.51 -20.99 16.42
C ASN A 40 -4.94 -19.90 17.31
N PRO A 41 -5.80 -19.12 17.98
CA PRO A 41 -5.28 -18.01 18.80
C PRO A 41 -4.47 -18.47 20.00
N SER A 42 -4.86 -19.58 20.63
CA SER A 42 -4.26 -20.05 21.87
C SER A 42 -2.79 -20.44 21.73
N ILE A 43 -2.19 -20.35 20.54
CA ILE A 43 -0.77 -20.65 20.35
C ILE A 43 0.05 -19.38 20.14
N LYS A 44 -0.59 -18.21 20.09
CA LYS A 44 0.13 -16.96 19.89
C LYS A 44 1.27 -16.81 20.89
N ASP A 45 0.96 -16.97 22.19
CA ASP A 45 1.96 -16.81 23.23
C ASP A 45 3.18 -17.69 22.99
N THR A 46 3.01 -18.81 22.29
CA THR A 46 4.15 -19.67 22.00
C THR A 46 4.85 -19.23 20.71
N VAL A 47 4.08 -18.84 19.69
CA VAL A 47 4.66 -18.57 18.39
C VAL A 47 5.11 -17.11 18.24
N PHE A 48 4.48 -16.19 18.97
CA PHE A 48 4.86 -14.79 18.84
C PHE A 48 6.32 -14.50 19.18
N PRO A 49 6.92 -15.09 20.25
CA PRO A 49 8.36 -14.90 20.43
C PRO A 49 9.16 -15.39 19.24
N MET A 50 9.00 -16.67 18.90
CA MET A 50 9.70 -17.22 17.74
C MET A 50 9.47 -16.38 16.50
N ALA A 51 8.24 -15.92 16.28
CA ALA A 51 7.96 -15.01 15.18
C ALA A 51 8.90 -13.82 15.22
N ILE A 52 8.90 -13.06 16.32
CA ILE A 52 9.78 -11.90 16.40
C ILE A 52 11.24 -12.32 16.47
N LEU A 53 11.50 -13.59 16.80
CA LEU A 53 12.82 -14.15 16.55
C LEU A 53 13.06 -14.16 15.05
N GLY A 54 12.24 -14.92 14.33
CA GLY A 54 12.38 -15.01 12.88
C GLY A 54 12.32 -13.67 12.18
N PHE A 55 11.68 -12.68 12.79
CA PHE A 55 11.76 -11.32 12.27
C PHE A 55 13.19 -10.79 12.32
N ALA A 56 13.75 -10.69 13.54
CA ALA A 56 14.95 -9.89 13.75
C ALA A 56 16.10 -10.33 12.85
N LEU A 57 16.57 -11.56 13.01
CA LEU A 57 17.71 -12.02 12.23
C LEU A 57 17.35 -12.36 10.79
N SER A 58 16.15 -12.00 10.34
CA SER A 58 15.84 -11.97 8.92
C SER A 58 15.91 -10.57 8.33
N GLU A 59 15.82 -9.53 9.17
CA GLU A 59 16.08 -8.18 8.72
C GLU A 59 17.56 -7.83 8.85
N ALA A 60 18.28 -8.51 9.74
CA ALA A 60 19.68 -8.18 10.01
C ALA A 60 20.54 -8.29 8.76
N THR A 61 20.29 -9.30 7.93
CA THR A 61 21.02 -9.40 6.67
C THR A 61 20.68 -8.24 5.74
N GLY A 62 19.43 -7.77 5.80
CA GLY A 62 19.09 -6.57 5.05
C GLY A 62 19.64 -5.31 5.66
N LEU A 63 19.75 -5.28 7.00
CA LEU A 63 20.31 -4.13 7.70
C LEU A 63 21.74 -3.83 7.28
N PHE A 64 22.47 -4.80 6.74
CA PHE A 64 23.82 -4.53 6.27
C PHE A 64 23.81 -3.63 5.04
N CYS A 65 22.74 -3.71 4.23
CA CYS A 65 22.73 -3.08 2.92
C CYS A 65 23.06 -1.59 3.02
N LEU A 66 22.19 -0.82 3.66
CA LEU A 66 22.46 0.60 3.84
C LEU A 66 23.74 0.83 4.62
N MET A 67 24.10 -0.08 5.53
CA MET A 67 25.38 0.03 6.21
C MET A 67 26.53 0.02 5.21
N VAL A 68 26.49 -0.88 4.24
CA VAL A 68 27.50 -0.89 3.20
C VAL A 68 27.49 0.42 2.43
N SER A 69 26.31 1.04 2.31
CA SER A 69 26.24 2.37 1.70
C SER A 69 26.87 3.41 2.61
N PHE A 70 26.65 3.29 3.93
CA PHE A 70 27.15 4.30 4.87
C PHE A 70 28.66 4.43 4.78
N LEU A 71 29.38 3.32 4.95
CA LEU A 71 30.84 3.35 4.81
C LEU A 71 31.25 3.74 3.39
N LEU A 72 30.38 3.53 2.40
CA LEU A 72 30.66 3.99 1.05
C LEU A 72 30.19 5.43 0.84
N LEU A 73 29.27 5.91 1.67
CA LEU A 73 28.83 7.29 1.56
C LEU A 73 29.90 8.26 2.06
N PHE A 74 30.57 7.92 3.15
CA PHE A 74 31.57 8.80 3.73
C PHE A 74 32.97 8.26 3.51
N GLN B 2 43.23 6.64 -10.86
CA GLN B 2 42.09 7.25 -10.19
C GLN B 2 40.78 6.71 -10.75
N LEU B 3 40.89 5.92 -11.81
CA LEU B 3 39.70 5.38 -12.46
C LEU B 3 39.31 4.02 -11.91
N VAL B 4 40.28 3.27 -11.38
CA VAL B 4 40.01 1.88 -11.02
C VAL B 4 39.40 1.76 -9.62
N LEU B 5 39.80 2.61 -8.68
CA LEU B 5 39.25 2.49 -7.33
C LEU B 5 37.80 2.93 -7.25
N ALA B 6 37.42 3.94 -8.05
CA ALA B 6 36.01 4.33 -8.11
C ALA B 6 35.16 3.23 -8.74
N ALA B 7 35.71 2.54 -9.76
CA ALA B 7 35.00 1.39 -10.32
C ALA B 7 34.90 0.27 -9.31
N LYS B 8 35.93 0.06 -8.48
CA LYS B 8 35.82 -0.92 -7.40
C LYS B 8 34.74 -0.53 -6.41
N TYR B 9 34.62 0.76 -6.10
CA TYR B 9 33.57 1.22 -5.20
C TYR B 9 32.19 0.93 -5.77
N ILE B 10 31.97 1.26 -7.05
CA ILE B 10 30.66 1.03 -7.63
C ILE B 10 30.41 -0.46 -7.84
N GLY B 11 31.47 -1.25 -7.99
CA GLY B 11 31.31 -2.70 -8.02
C GLY B 11 30.86 -3.25 -6.69
N ALA B 12 31.45 -2.76 -5.60
CA ALA B 12 30.93 -3.10 -4.28
C ALA B 12 29.48 -2.69 -4.14
N GLY B 13 29.13 -1.52 -4.70
CA GLY B 13 27.74 -1.07 -4.66
C GLY B 13 26.79 -2.03 -5.37
N ILE B 14 27.11 -2.39 -6.60
CA ILE B 14 26.23 -3.28 -7.38
C ILE B 14 26.19 -4.68 -6.77
N SER B 15 27.29 -5.11 -6.15
CA SER B 15 27.32 -6.44 -5.54
C SER B 15 26.71 -6.47 -4.16
N THR B 16 26.47 -5.32 -3.53
CA THR B 16 25.88 -5.31 -2.20
C THR B 16 24.45 -5.82 -2.19
N ILE B 17 23.71 -5.63 -3.28
CA ILE B 17 22.27 -5.87 -3.28
C ILE B 17 21.97 -7.35 -3.45
N GLY B 18 23.01 -8.18 -3.48
CA GLY B 18 22.82 -9.61 -3.56
C GLY B 18 22.16 -10.23 -2.34
N LEU B 19 22.18 -9.52 -1.20
CA LEU B 19 21.49 -9.98 0.00
C LEU B 19 19.97 -9.92 -0.13
N LEU B 20 19.46 -9.54 -1.30
CA LEU B 20 18.04 -9.65 -1.60
C LEU B 20 17.54 -11.06 -1.35
N GLY B 21 18.29 -12.06 -1.83
CA GLY B 21 17.88 -13.43 -1.66
C GLY B 21 17.85 -13.86 -0.21
N ALA B 22 18.84 -13.45 0.58
CA ALA B 22 18.80 -13.67 2.01
C ALA B 22 17.55 -13.04 2.61
N GLY B 23 17.41 -11.73 2.46
CA GLY B 23 16.28 -11.02 3.05
C GLY B 23 14.93 -11.61 2.71
N ILE B 24 14.80 -12.21 1.51
CA ILE B 24 13.55 -12.87 1.17
C ILE B 24 13.47 -14.24 1.84
N GLY B 25 14.42 -15.12 1.55
CA GLY B 25 14.29 -16.51 1.91
C GLY B 25 14.52 -16.88 3.36
N ILE B 26 15.47 -16.22 4.03
CA ILE B 26 15.74 -16.55 5.42
C ILE B 26 14.56 -16.11 6.26
N ALA B 27 13.62 -15.41 5.62
CA ALA B 27 12.36 -15.07 6.25
C ALA B 27 11.20 -15.91 5.76
N ILE B 28 11.21 -16.34 4.49
CA ILE B 28 10.19 -17.30 4.06
C ILE B 28 10.30 -18.58 4.87
N VAL B 29 11.52 -18.92 5.32
CA VAL B 29 11.69 -20.11 6.14
C VAL B 29 10.90 -20.00 7.44
N PHE B 30 11.06 -18.88 8.15
CA PHE B 30 10.30 -18.68 9.37
C PHE B 30 8.81 -18.48 9.10
N ALA B 31 8.45 -17.94 7.94
CA ALA B 31 7.04 -17.83 7.59
C ALA B 31 6.39 -19.22 7.50
N ALA B 32 7.01 -20.12 6.75
CA ALA B 32 6.49 -21.48 6.66
C ALA B 32 6.57 -22.18 8.01
N LEU B 33 7.60 -21.88 8.81
CA LEU B 33 7.70 -22.47 10.15
C LEU B 33 6.51 -22.07 11.01
N ILE B 34 6.14 -20.80 10.99
CA ILE B 34 4.99 -20.34 11.76
C ILE B 34 3.71 -20.96 11.22
N ASN B 35 3.55 -20.98 9.89
CA ASN B 35 2.36 -21.58 9.30
C ASN B 35 2.22 -23.05 9.66
N GLY B 36 3.33 -23.75 9.84
CA GLY B 36 3.28 -25.15 10.21
C GLY B 36 3.06 -25.38 11.69
N VAL B 37 3.73 -24.59 12.53
CA VAL B 37 3.62 -24.79 13.98
C VAL B 37 2.29 -24.28 14.51
N SER B 38 1.63 -23.35 13.81
CA SER B 38 0.35 -22.84 14.30
C SER B 38 -0.76 -23.87 14.16
N ARG B 39 -0.82 -24.56 13.02
CA ARG B 39 -1.83 -25.59 12.82
C ARG B 39 -1.49 -26.90 13.52
N ASN B 40 -0.31 -26.99 14.13
CA ASN B 40 0.07 -28.18 14.89
C ASN B 40 1.12 -27.79 15.93
N PRO B 41 0.71 -27.49 17.15
CA PRO B 41 1.63 -26.89 18.14
C PRO B 41 2.75 -27.80 18.61
N SER B 42 2.42 -29.05 18.93
CA SER B 42 3.33 -29.94 19.63
C SER B 42 4.45 -30.49 18.74
N ILE B 43 4.64 -29.93 17.54
CA ILE B 43 5.69 -30.41 16.65
C ILE B 43 6.91 -29.48 16.65
N LYS B 44 6.89 -28.43 17.48
CA LYS B 44 8.03 -27.53 17.57
C LYS B 44 9.31 -28.29 17.90
N ASP B 45 9.29 -29.08 18.97
CA ASP B 45 10.47 -29.86 19.34
C ASP B 45 10.92 -30.78 18.22
N THR B 46 10.02 -31.13 17.30
CA THR B 46 10.37 -31.98 16.18
C THR B 46 10.97 -31.19 15.02
N VAL B 47 10.57 -29.92 14.88
CA VAL B 47 10.91 -29.12 13.71
C VAL B 47 11.88 -28.00 14.05
N PHE B 48 11.70 -27.36 15.21
CA PHE B 48 12.42 -26.13 15.51
C PHE B 48 13.94 -26.23 15.35
N PRO B 49 14.62 -27.31 15.78
CA PRO B 49 16.05 -27.41 15.43
C PRO B 49 16.27 -27.48 13.93
N MET B 50 15.67 -28.48 13.27
CA MET B 50 15.78 -28.58 11.82
C MET B 50 15.39 -27.27 11.15
N ALA B 51 14.31 -26.65 11.63
CA ALA B 51 13.91 -25.34 11.11
C ALA B 51 15.07 -24.35 11.13
N ILE B 52 15.68 -24.15 12.31
CA ILE B 52 16.76 -23.17 12.38
C ILE B 52 17.93 -23.65 11.53
N LEU B 53 18.08 -24.96 11.36
CA LEU B 53 19.02 -25.48 10.37
C LEU B 53 18.81 -24.78 9.04
N GLY B 54 17.61 -24.91 8.47
CA GLY B 54 17.27 -24.28 7.21
C GLY B 54 17.55 -22.81 7.14
N PHE B 55 17.78 -22.15 8.28
CA PHE B 55 18.21 -20.76 8.27
C PHE B 55 19.69 -20.65 7.94
N ALA B 56 20.54 -21.26 8.78
CA ALA B 56 21.97 -20.97 8.75
C ALA B 56 22.55 -21.23 7.36
N LEU B 57 22.55 -22.49 6.93
CA LEU B 57 23.16 -22.85 5.65
C LEU B 57 22.52 -22.14 4.47
N SER B 58 21.46 -21.36 4.70
CA SER B 58 20.95 -20.47 3.67
C SER B 58 21.60 -19.10 3.77
N GLU B 59 21.45 -18.44 4.93
CA GLU B 59 21.87 -17.05 5.06
C GLU B 59 23.37 -16.90 4.81
N ALA B 60 24.16 -17.88 5.28
CA ALA B 60 25.60 -17.85 5.05
C ALA B 60 25.91 -17.67 3.57
N THR B 61 25.18 -18.40 2.70
CA THR B 61 25.39 -18.23 1.26
C THR B 61 25.21 -16.77 0.86
N GLY B 62 24.10 -16.17 1.26
CA GLY B 62 23.90 -14.75 1.00
C GLY B 62 25.04 -13.91 1.54
N LEU B 63 25.53 -14.25 2.73
CA LEU B 63 26.67 -13.54 3.29
C LEU B 63 27.84 -13.50 2.32
N PHE B 64 28.15 -14.64 1.68
CA PHE B 64 29.22 -14.69 0.71
C PHE B 64 29.15 -13.50 -0.23
N CYS B 65 27.96 -13.20 -0.75
CA CYS B 65 27.81 -12.10 -1.69
C CYS B 65 28.47 -10.84 -1.16
N LEU B 66 28.01 -10.35 0.00
CA LEU B 66 28.55 -9.07 0.44
C LEU B 66 29.99 -9.16 0.89
N MET B 67 30.48 -10.34 1.29
CA MET B 67 31.89 -10.38 1.63
C MET B 67 32.74 -10.27 0.37
N VAL B 68 32.21 -10.75 -0.77
CA VAL B 68 32.82 -10.41 -2.05
C VAL B 68 32.97 -8.90 -2.18
N SER B 69 31.90 -8.17 -1.83
CA SER B 69 31.96 -6.72 -1.84
C SER B 69 33.18 -6.21 -1.08
N PHE B 70 33.46 -6.81 0.09
CA PHE B 70 34.62 -6.36 0.85
C PHE B 70 35.91 -6.59 0.08
N LEU B 71 36.10 -7.78 -0.50
CA LEU B 71 37.30 -8.01 -1.30
C LEU B 71 37.25 -7.24 -2.62
N LEU B 72 36.12 -6.65 -2.96
CA LEU B 72 36.06 -5.71 -4.07
C LEU B 72 36.14 -4.26 -3.59
N LEU B 73 35.89 -4.02 -2.29
CA LEU B 73 36.14 -2.70 -1.72
C LEU B 73 37.61 -2.53 -1.37
N PHE B 74 38.29 -3.61 -1.03
CA PHE B 74 39.71 -3.56 -0.68
C PHE B 74 40.50 -4.62 -1.46
N GLN C 2 44.20 0.23 -19.13
CA GLN C 2 43.98 0.74 -17.79
C GLN C 2 42.50 0.66 -17.47
N LEU C 3 41.71 0.36 -18.50
CA LEU C 3 40.26 0.23 -18.32
C LEU C 3 39.86 -1.22 -18.10
N VAL C 4 40.69 -2.17 -18.55
CA VAL C 4 40.30 -3.57 -18.52
C VAL C 4 40.20 -4.12 -17.10
N LEU C 5 41.07 -3.67 -16.19
CA LEU C 5 41.00 -4.18 -14.81
C LEU C 5 39.80 -3.62 -14.07
N ALA C 6 39.48 -2.34 -14.25
CA ALA C 6 38.25 -1.80 -13.68
C ALA C 6 37.03 -2.48 -14.28
N ALA C 7 37.10 -2.82 -15.57
CA ALA C 7 36.00 -3.53 -16.21
C ALA C 7 35.82 -4.92 -15.60
N LYS C 8 36.92 -5.64 -15.38
CA LYS C 8 36.85 -6.93 -14.71
C LYS C 8 36.29 -6.79 -13.30
N TYR C 9 36.64 -5.71 -12.61
CA TYR C 9 36.15 -5.52 -11.24
C TYR C 9 34.64 -5.29 -11.23
N ILE C 10 34.16 -4.40 -12.10
CA ILE C 10 32.72 -4.16 -12.14
C ILE C 10 31.98 -5.38 -12.71
N GLY C 11 32.64 -6.20 -13.52
CA GLY C 11 32.04 -7.44 -13.96
C GLY C 11 31.90 -8.44 -12.84
N ALA C 12 32.93 -8.57 -12.00
CA ALA C 12 32.82 -9.36 -10.79
C ALA C 12 31.74 -8.82 -9.86
N GLY C 13 31.50 -7.51 -9.91
CA GLY C 13 30.40 -6.95 -9.13
C GLY C 13 29.04 -7.35 -9.67
N ILE C 14 28.81 -7.17 -10.97
CA ILE C 14 27.52 -7.49 -11.56
C ILE C 14 27.24 -8.99 -11.52
N SER C 15 28.27 -9.83 -11.66
CA SER C 15 28.08 -11.26 -11.65
C SER C 15 28.03 -11.85 -10.25
N THR C 16 27.94 -11.01 -9.23
CA THR C 16 27.89 -11.48 -7.84
C THR C 16 26.46 -11.65 -7.34
N ILE C 17 25.49 -10.95 -7.94
CA ILE C 17 24.12 -10.97 -7.44
C ILE C 17 23.32 -12.17 -7.93
N GLY C 18 23.96 -13.12 -8.61
CA GLY C 18 23.25 -14.29 -9.09
C GLY C 18 22.88 -15.27 -8.00
N LEU C 19 23.56 -15.24 -6.87
CA LEU C 19 23.22 -16.12 -5.76
C LEU C 19 21.89 -15.76 -5.10
N LEU C 20 21.27 -14.65 -5.53
CA LEU C 20 19.86 -14.42 -5.27
C LEU C 20 19.03 -15.67 -5.54
N GLY C 21 19.33 -16.33 -6.66
CA GLY C 21 18.63 -17.55 -7.04
C GLY C 21 18.75 -18.65 -6.02
N ALA C 22 19.97 -18.98 -5.58
CA ALA C 22 20.15 -20.00 -4.56
C ALA C 22 19.48 -19.58 -3.25
N GLY C 23 19.65 -18.30 -2.87
CA GLY C 23 19.09 -17.83 -1.62
C GLY C 23 17.58 -17.98 -1.56
N ILE C 24 16.89 -17.76 -2.68
CA ILE C 24 15.45 -17.96 -2.70
C ILE C 24 15.11 -19.44 -2.84
N GLY C 25 15.89 -20.17 -3.64
CA GLY C 25 15.60 -21.54 -3.96
C GLY C 25 15.74 -22.52 -2.80
N ILE C 26 16.91 -22.55 -2.16
CA ILE C 26 17.05 -23.43 -1.01
C ILE C 26 16.08 -23.05 0.08
N ALA C 27 15.69 -21.77 0.15
CA ALA C 27 14.76 -21.33 1.17
C ALA C 27 13.35 -21.87 0.90
N ILE C 28 12.90 -21.85 -0.34
CA ILE C 28 11.58 -22.42 -0.62
C ILE C 28 11.61 -23.93 -0.38
N VAL C 29 12.75 -24.58 -0.60
CA VAL C 29 12.87 -26.01 -0.34
C VAL C 29 12.71 -26.29 1.15
N PHE C 30 13.45 -25.55 1.99
CA PHE C 30 13.28 -25.74 3.43
C PHE C 30 11.90 -25.34 3.92
N ALA C 31 11.27 -24.34 3.28
CA ALA C 31 9.91 -23.97 3.63
C ALA C 31 8.94 -25.13 3.37
N ALA C 32 9.04 -25.73 2.19
CA ALA C 32 8.21 -26.90 1.89
C ALA C 32 8.53 -28.06 2.81
N LEU C 33 9.81 -28.22 3.18
CA LEU C 33 10.17 -29.27 4.13
C LEU C 33 9.47 -29.07 5.47
N ILE C 34 9.49 -27.83 5.99
CA ILE C 34 8.82 -27.55 7.25
C ILE C 34 7.32 -27.77 7.12
N ASN C 35 6.74 -27.35 5.99
CA ASN C 35 5.32 -27.57 5.76
C ASN C 35 4.96 -29.05 5.70
N GLY C 36 5.86 -29.89 5.19
CA GLY C 36 5.56 -31.30 5.07
C GLY C 36 5.76 -32.04 6.38
N VAL C 37 6.82 -31.72 7.11
CA VAL C 37 7.14 -32.43 8.35
C VAL C 37 6.17 -32.02 9.43
N SER C 38 5.66 -30.78 9.35
CA SER C 38 4.66 -30.34 10.31
C SER C 38 3.27 -30.86 9.98
N ARG C 39 3.02 -31.24 8.72
CA ARG C 39 1.73 -31.79 8.35
C ARG C 39 1.68 -33.30 8.58
N ASN C 40 2.83 -33.97 8.57
CA ASN C 40 2.90 -35.41 8.78
C ASN C 40 4.15 -35.70 9.58
N PRO C 41 4.04 -35.77 10.92
CA PRO C 41 5.23 -35.96 11.76
C PRO C 41 5.93 -37.29 11.57
N SER C 42 5.34 -38.24 10.85
CA SER C 42 5.93 -39.56 10.66
C SER C 42 6.59 -39.69 9.29
N ILE C 43 7.20 -38.61 8.78
CA ILE C 43 7.79 -38.61 7.45
C ILE C 43 9.20 -38.02 7.45
N LYS C 44 9.74 -37.63 8.60
CA LYS C 44 10.98 -36.86 8.65
C LYS C 44 12.11 -37.58 7.93
N ASP C 45 12.53 -38.74 8.45
CA ASP C 45 13.61 -39.48 7.83
C ASP C 45 13.27 -39.95 6.42
N THR C 46 11.99 -39.85 6.03
CA THR C 46 11.60 -40.22 4.68
C THR C 46 11.85 -39.08 3.70
N VAL C 47 11.81 -37.84 4.16
CA VAL C 47 11.90 -36.68 3.27
C VAL C 47 13.18 -35.89 3.51
N PHE C 48 13.80 -36.09 4.67
CA PHE C 48 14.98 -35.30 5.02
C PHE C 48 16.13 -35.43 4.01
N PRO C 49 16.49 -36.62 3.52
CA PRO C 49 17.56 -36.68 2.51
C PRO C 49 17.24 -35.86 1.27
N MET C 50 16.13 -36.21 0.61
CA MET C 50 15.73 -35.50 -0.61
C MET C 50 15.78 -33.99 -0.40
N ALA C 51 15.17 -33.52 0.69
CA ALA C 51 15.20 -32.09 1.01
C ALA C 51 16.64 -31.56 0.97
N ILE C 52 17.52 -32.11 1.81
CA ILE C 52 18.88 -31.60 1.79
C ILE C 52 19.53 -31.88 0.46
N LEU C 53 19.15 -32.99 -0.19
CA LEU C 53 19.54 -33.20 -1.59
C LEU C 53 19.12 -32.00 -2.41
N GLY C 54 17.82 -31.71 -2.44
CA GLY C 54 17.33 -30.52 -3.13
C GLY C 54 18.05 -29.25 -2.74
N PHE C 55 18.66 -29.21 -1.55
CA PHE C 55 19.51 -28.11 -1.18
C PHE C 55 20.74 -28.05 -2.08
N ALA C 56 21.60 -29.06 -1.99
CA ALA C 56 23.00 -28.91 -2.41
C ALA C 56 23.12 -28.55 -3.88
N LEU C 57 22.75 -29.47 -4.76
CA LEU C 57 22.90 -29.24 -6.19
C LEU C 57 21.97 -28.15 -6.70
N SER C 58 21.17 -27.54 -5.83
CA SER C 58 20.54 -26.27 -6.19
C SER C 58 21.52 -25.13 -5.90
N GLU C 59 21.88 -24.95 -4.63
CA GLU C 59 22.71 -23.81 -4.24
C GLU C 59 24.10 -23.88 -4.86
N ALA C 60 24.65 -25.08 -5.04
CA ALA C 60 25.91 -25.23 -5.76
C ALA C 60 25.85 -24.54 -7.11
N THR C 61 24.75 -24.70 -7.84
CA THR C 61 24.61 -23.99 -9.11
C THR C 61 24.74 -22.49 -8.89
N GLY C 62 24.00 -21.95 -7.92
CA GLY C 62 24.19 -20.56 -7.55
C GLY C 62 25.62 -20.24 -7.20
N LEU C 63 26.27 -21.14 -6.45
CA LEU C 63 27.69 -20.96 -6.16
C LEU C 63 28.49 -20.76 -7.43
N PHE C 64 28.22 -21.59 -8.46
CA PHE C 64 28.90 -21.44 -9.74
C PHE C 64 28.91 -19.99 -10.19
N CYS C 65 27.77 -19.32 -10.08
CA CYS C 65 27.69 -17.92 -10.48
C CYS C 65 28.85 -17.13 -9.88
N LEU C 66 28.93 -17.07 -8.55
CA LEU C 66 29.97 -16.22 -7.99
C LEU C 66 31.37 -16.77 -8.20
N MET C 67 31.53 -18.09 -8.44
CA MET C 67 32.88 -18.53 -8.72
C MET C 67 33.33 -18.03 -10.08
N VAL C 68 32.39 -17.82 -11.00
CA VAL C 68 32.70 -17.03 -12.20
C VAL C 68 33.34 -15.72 -11.80
N SER C 69 32.67 -14.98 -10.90
CA SER C 69 33.24 -13.75 -10.36
C SER C 69 34.63 -13.99 -9.81
N PHE C 70 34.84 -15.13 -9.13
CA PHE C 70 36.19 -15.47 -8.67
C PHE C 70 37.17 -15.46 -9.83
N LEU C 71 36.91 -16.27 -10.86
CA LEU C 71 37.77 -16.32 -12.02
C LEU C 71 37.65 -15.07 -12.89
N LEU C 72 36.82 -14.12 -12.47
CA LEU C 72 36.75 -12.81 -13.11
C LEU C 72 37.44 -11.74 -12.28
N LEU C 73 37.84 -12.06 -11.05
CA LEU C 73 38.59 -11.12 -10.23
C LEU C 73 40.09 -11.13 -10.55
N PHE C 74 40.64 -12.30 -10.86
CA PHE C 74 42.06 -12.42 -11.20
C PHE C 74 42.27 -12.88 -12.63
N GLY C 75 41.62 -13.97 -13.04
CA GLY C 75 41.76 -14.49 -14.39
C GLY C 75 40.96 -13.71 -15.42
N GLN D 2 41.90 -2.07 -27.12
CA GLN D 2 42.11 -2.17 -25.68
C GLN D 2 40.78 -2.06 -24.94
N LEU D 3 39.70 -1.86 -25.69
CA LEU D 3 38.36 -1.74 -25.12
C LEU D 3 37.51 -2.96 -25.40
N VAL D 4 37.78 -3.69 -26.48
CA VAL D 4 36.93 -4.80 -26.86
C VAL D 4 37.05 -5.95 -25.87
N LEU D 5 38.22 -6.16 -25.27
CA LEU D 5 38.37 -7.24 -24.30
C LEU D 5 37.71 -6.89 -22.97
N ALA D 6 37.80 -5.63 -22.56
CA ALA D 6 37.07 -5.18 -21.38
C ALA D 6 35.56 -5.31 -21.60
N ALA D 7 35.11 -5.03 -22.82
CA ALA D 7 33.70 -5.21 -23.15
C ALA D 7 33.31 -6.68 -23.11
N LYS D 8 34.16 -7.57 -23.63
CA LYS D 8 33.90 -8.99 -23.53
C LYS D 8 33.78 -9.42 -22.07
N TYR D 9 34.65 -8.90 -21.21
CA TYR D 9 34.63 -9.27 -19.80
C TYR D 9 33.35 -8.79 -19.12
N ILE D 10 32.98 -7.52 -19.33
CA ILE D 10 31.76 -7.03 -18.68
C ILE D 10 30.53 -7.70 -19.29
N GLY D 11 30.63 -8.15 -20.55
CA GLY D 11 29.53 -8.89 -21.15
C GLY D 11 29.37 -10.28 -20.57
N ALA D 12 30.49 -10.95 -20.29
CA ALA D 12 30.41 -12.19 -19.53
C ALA D 12 29.87 -11.94 -18.13
N GLY D 13 30.12 -10.76 -17.57
CA GLY D 13 29.55 -10.43 -16.29
C GLY D 13 28.04 -10.27 -16.33
N ILE D 14 27.54 -9.48 -17.28
CA ILE D 14 26.10 -9.23 -17.40
C ILE D 14 25.32 -10.44 -17.90
N SER D 15 25.98 -11.43 -18.50
CA SER D 15 25.33 -12.63 -18.98
C SER D 15 25.46 -13.80 -18.01
N THR D 16 25.63 -13.52 -16.72
CA THR D 16 25.94 -14.55 -15.74
C THR D 16 24.75 -14.85 -14.83
N ILE D 17 24.00 -13.82 -14.43
CA ILE D 17 23.00 -13.96 -13.39
C ILE D 17 21.70 -14.49 -13.97
N GLY D 18 21.71 -14.84 -15.25
CA GLY D 18 20.54 -15.48 -15.85
C GLY D 18 20.23 -16.83 -15.22
N LEU D 19 21.26 -17.59 -14.85
CA LEU D 19 21.06 -18.81 -14.08
C LEU D 19 20.31 -18.57 -12.78
N LEU D 20 20.17 -17.30 -12.39
CA LEU D 20 19.19 -16.89 -11.38
C LEU D 20 17.88 -17.66 -11.54
N GLY D 21 17.31 -17.64 -12.74
CA GLY D 21 16.01 -18.26 -12.96
C GLY D 21 15.98 -19.71 -12.51
N ALA D 22 16.78 -20.56 -13.17
CA ALA D 22 16.93 -21.93 -12.72
C ALA D 22 17.24 -21.99 -11.24
N GLY D 23 18.16 -21.12 -10.78
CA GLY D 23 18.55 -21.11 -9.38
C GLY D 23 17.38 -21.04 -8.41
N ILE D 24 16.25 -20.50 -8.85
CA ILE D 24 15.03 -20.57 -8.06
C ILE D 24 14.15 -21.71 -8.54
N GLY D 25 13.93 -21.78 -9.85
CA GLY D 25 12.88 -22.65 -10.38
C GLY D 25 13.03 -24.10 -9.97
N ILE D 26 14.19 -24.70 -10.26
CA ILE D 26 14.43 -26.09 -9.92
C ILE D 26 14.02 -26.38 -8.49
N ALA D 27 14.26 -25.43 -7.58
CA ALA D 27 14.00 -25.67 -6.17
C ALA D 27 12.54 -26.01 -5.92
N ILE D 28 11.63 -25.25 -6.53
CA ILE D 28 10.22 -25.47 -6.28
C ILE D 28 9.81 -26.88 -6.65
N VAL D 29 10.52 -27.50 -7.60
CA VAL D 29 10.27 -28.90 -7.91
C VAL D 29 10.35 -29.73 -6.64
N PHE D 30 11.52 -29.71 -5.98
CA PHE D 30 11.65 -30.40 -4.70
C PHE D 30 10.55 -29.98 -3.74
N ALA D 31 10.18 -28.70 -3.75
CA ALA D 31 9.08 -28.24 -2.92
C ALA D 31 7.85 -29.10 -3.13
N ALA D 32 7.38 -29.17 -4.38
CA ALA D 32 6.23 -30.03 -4.67
C ALA D 32 6.51 -31.47 -4.29
N LEU D 33 7.75 -31.93 -4.51
CA LEU D 33 8.13 -33.27 -4.07
C LEU D 33 7.87 -33.43 -2.58
N ILE D 34 8.33 -32.48 -1.77
CA ILE D 34 8.06 -32.56 -0.34
C ILE D 34 6.58 -32.40 -0.08
N ASN D 35 5.88 -31.63 -0.90
CA ASN D 35 4.44 -31.47 -0.81
C ASN D 35 3.69 -32.57 -1.56
N GLY D 36 4.40 -33.55 -2.09
CA GLY D 36 3.75 -34.65 -2.78
C GLY D 36 3.75 -35.92 -1.96
N VAL D 37 4.84 -36.14 -1.23
CA VAL D 37 4.98 -37.36 -0.43
C VAL D 37 4.54 -37.18 1.01
N SER D 38 4.52 -35.94 1.52
CA SER D 38 4.13 -35.71 2.90
C SER D 38 2.67 -36.07 3.15
N ARG D 39 1.81 -35.87 2.15
CA ARG D 39 0.40 -36.24 2.25
C ARG D 39 0.05 -37.48 1.45
N ASN D 40 1.02 -38.06 0.73
CA ASN D 40 0.83 -39.32 0.02
C ASN D 40 2.14 -40.09 0.12
N PRO D 41 2.29 -40.96 1.13
CA PRO D 41 3.59 -41.60 1.39
C PRO D 41 4.09 -42.47 0.24
N SER D 42 3.28 -43.44 -0.17
CA SER D 42 3.70 -44.44 -1.15
C SER D 42 3.46 -43.93 -2.57
N ILE D 43 4.17 -42.87 -2.93
CA ILE D 43 4.08 -42.28 -4.26
C ILE D 43 5.45 -42.00 -4.88
N LYS D 44 6.54 -42.31 -4.16
CA LYS D 44 7.87 -41.97 -4.66
C LYS D 44 8.16 -42.57 -6.03
N ASP D 45 7.80 -43.84 -6.23
CA ASP D 45 8.10 -44.49 -7.51
C ASP D 45 7.43 -43.79 -8.68
N THR D 46 6.35 -43.04 -8.41
CA THR D 46 5.64 -42.35 -9.48
C THR D 46 6.18 -40.94 -9.70
N VAL D 47 6.55 -40.24 -8.62
CA VAL D 47 6.87 -38.83 -8.74
C VAL D 47 8.36 -38.54 -8.86
N PHE D 48 9.22 -39.37 -8.24
CA PHE D 48 10.64 -39.07 -8.19
C PHE D 48 11.31 -39.07 -9.57
N PRO D 49 11.04 -40.07 -10.44
CA PRO D 49 11.60 -39.96 -11.80
C PRO D 49 11.12 -38.73 -12.53
N MET D 50 9.82 -38.43 -12.44
CA MET D 50 9.29 -37.22 -13.05
C MET D 50 9.93 -35.98 -12.44
N ALA D 51 10.10 -35.96 -11.12
CA ALA D 51 10.68 -34.80 -10.45
C ALA D 51 12.11 -34.55 -10.92
N ILE D 52 12.94 -35.60 -10.97
CA ILE D 52 14.32 -35.42 -11.40
C ILE D 52 14.39 -35.13 -12.89
N LEU D 53 13.48 -35.67 -13.70
CA LEU D 53 13.41 -35.30 -15.11
C LEU D 53 13.20 -33.79 -15.26
N GLY D 54 12.16 -33.27 -14.61
CA GLY D 54 11.91 -31.84 -14.64
C GLY D 54 13.08 -31.03 -14.13
N PHE D 55 13.64 -31.44 -12.98
CA PHE D 55 14.81 -30.77 -12.42
C PHE D 55 15.93 -30.67 -13.45
N ALA D 56 16.27 -31.79 -14.09
CA ALA D 56 17.40 -31.81 -15.01
C ALA D 56 17.14 -30.93 -16.24
N LEU D 57 16.00 -31.14 -16.91
CA LEU D 57 15.84 -30.39 -18.16
C LEU D 57 15.36 -28.97 -17.92
N SER D 58 15.16 -28.57 -16.65
CA SER D 58 14.99 -27.15 -16.33
C SER D 58 16.30 -26.50 -15.91
N GLU D 59 17.17 -27.25 -15.22
CA GLU D 59 18.49 -26.74 -14.89
C GLU D 59 19.37 -26.63 -16.14
N ALA D 60 19.01 -27.36 -17.20
CA ALA D 60 19.69 -27.18 -18.48
C ALA D 60 19.65 -25.72 -18.93
N THR D 61 18.61 -24.98 -18.54
CA THR D 61 18.52 -23.57 -18.91
C THR D 61 19.64 -22.76 -18.28
N GLY D 62 19.80 -22.86 -16.96
CA GLY D 62 20.91 -22.18 -16.30
C GLY D 62 22.26 -22.69 -16.76
N LEU D 63 22.35 -23.97 -17.11
CA LEU D 63 23.58 -24.51 -17.68
C LEU D 63 23.95 -23.78 -18.97
N PHE D 64 22.99 -23.68 -19.89
CA PHE D 64 23.23 -22.98 -21.13
C PHE D 64 23.53 -21.51 -20.89
N CYS D 65 22.88 -20.92 -19.87
CA CYS D 65 23.17 -19.53 -19.52
C CYS D 65 24.63 -19.35 -19.15
N LEU D 66 25.12 -20.09 -18.16
CA LEU D 66 26.48 -19.81 -17.74
C LEU D 66 27.50 -20.32 -18.76
N MET D 67 27.15 -21.26 -19.64
CA MET D 67 28.11 -21.61 -20.68
C MET D 67 28.15 -20.55 -21.78
N VAL D 68 27.03 -19.88 -22.05
CA VAL D 68 27.08 -18.67 -22.87
C VAL D 68 27.98 -17.63 -22.22
N SER D 69 27.83 -17.45 -20.91
CA SER D 69 28.70 -16.51 -20.20
C SER D 69 30.17 -16.89 -20.33
N PHE D 70 30.48 -18.17 -20.23
CA PHE D 70 31.86 -18.63 -20.33
C PHE D 70 32.42 -18.46 -21.74
N LEU D 71 31.64 -18.80 -22.77
CA LEU D 71 32.13 -18.65 -24.13
C LEU D 71 32.26 -17.19 -24.52
N LEU D 72 31.42 -16.32 -23.96
CA LEU D 72 31.61 -14.89 -24.19
C LEU D 72 32.80 -14.35 -23.43
N LEU D 73 33.10 -14.92 -22.26
CA LEU D 73 34.35 -14.60 -21.58
C LEU D 73 35.55 -15.01 -22.42
N PHE D 74 35.55 -16.25 -22.90
CA PHE D 74 36.60 -16.76 -23.76
C PHE D 74 36.10 -17.92 -24.61
N GLN E 2 35.59 0.00 -34.16
CA GLN E 2 36.17 -1.04 -33.32
C GLN E 2 35.28 -1.29 -32.11
N LEU E 3 34.12 -0.65 -32.10
CA LEU E 3 33.17 -0.77 -31.00
C LEU E 3 31.95 -1.61 -31.34
N VAL E 4 31.62 -1.75 -32.63
CA VAL E 4 30.39 -2.43 -33.01
C VAL E 4 30.44 -3.90 -32.61
N LEU E 5 31.60 -4.53 -32.71
CA LEU E 5 31.69 -5.94 -32.33
C LEU E 5 31.66 -6.10 -30.81
N ALA E 6 32.35 -5.22 -30.08
CA ALA E 6 32.24 -5.23 -28.63
C ALA E 6 30.82 -4.91 -28.18
N ALA E 7 30.14 -4.03 -28.92
CA ALA E 7 28.75 -3.72 -28.59
C ALA E 7 27.86 -4.94 -28.83
N LYS E 8 28.08 -5.67 -29.93
CA LYS E 8 27.33 -6.89 -30.16
C LYS E 8 27.58 -7.90 -29.05
N TYR E 9 28.84 -8.01 -28.60
CA TYR E 9 29.15 -8.92 -27.50
C TYR E 9 28.39 -8.55 -26.24
N ILE E 10 28.46 -7.28 -25.84
CA ILE E 10 27.82 -6.88 -24.59
C ILE E 10 26.30 -6.89 -24.71
N GLY E 11 25.76 -6.70 -25.91
CA GLY E 11 24.32 -6.86 -26.10
C GLY E 11 23.88 -8.29 -26.00
N ALA E 12 24.69 -9.22 -26.52
CA ALA E 12 24.46 -10.63 -26.23
C ALA E 12 24.59 -10.91 -24.75
N GLY E 13 25.38 -10.11 -24.03
CA GLY E 13 25.45 -10.25 -22.58
C GLY E 13 24.15 -9.88 -21.89
N ILE E 14 23.47 -8.84 -22.38
CA ILE E 14 22.22 -8.38 -21.79
C ILE E 14 21.03 -8.92 -22.56
N SER E 15 21.23 -9.98 -23.33
CA SER E 15 20.14 -10.73 -23.94
C SER E 15 20.08 -12.15 -23.42
N THR E 16 20.76 -12.44 -22.31
CA THR E 16 20.84 -13.80 -21.80
C THR E 16 19.86 -14.03 -20.66
N ILE E 17 19.63 -13.01 -19.84
CA ILE E 17 18.82 -13.16 -18.64
C ILE E 17 17.35 -13.23 -19.00
N GLY E 18 17.03 -13.10 -20.29
CA GLY E 18 15.65 -13.24 -20.75
C GLY E 18 15.08 -14.63 -20.57
N LEU E 19 15.91 -15.68 -20.63
CA LEU E 19 15.46 -17.02 -20.27
C LEU E 19 15.24 -17.17 -18.77
N LEU E 20 15.48 -16.09 -18.01
CA LEU E 20 15.26 -16.05 -16.56
C LEU E 20 13.95 -16.73 -16.16
N GLY E 21 12.84 -16.17 -16.64
CA GLY E 21 11.54 -16.73 -16.32
C GLY E 21 11.40 -18.17 -16.76
N ALA E 22 11.97 -18.51 -17.91
CA ALA E 22 12.04 -19.91 -18.31
C ALA E 22 12.61 -20.75 -17.18
N GLY E 23 13.82 -20.41 -16.72
CA GLY E 23 14.45 -21.15 -15.65
C GLY E 23 13.56 -21.32 -14.42
N ILE E 24 12.60 -20.41 -14.26
CA ILE E 24 11.59 -20.59 -13.22
C ILE E 24 10.35 -21.27 -13.80
N GLY E 25 9.81 -20.70 -14.87
CA GLY E 25 8.44 -21.02 -15.27
C GLY E 25 8.22 -22.50 -15.51
N ILE E 26 8.84 -23.06 -16.55
CA ILE E 26 8.72 -24.47 -16.83
C ILE E 26 8.96 -25.30 -15.58
N ALA E 27 9.92 -24.88 -14.74
CA ALA E 27 10.20 -25.61 -13.51
C ALA E 27 8.95 -25.75 -12.66
N ILE E 28 8.32 -24.61 -12.32
CA ILE E 28 7.14 -24.69 -11.45
C ILE E 28 6.04 -25.50 -12.12
N VAL E 29 6.04 -25.57 -13.45
CA VAL E 29 5.09 -26.44 -14.15
C VAL E 29 5.18 -27.85 -13.58
N PHE E 30 6.38 -28.43 -13.63
CA PHE E 30 6.57 -29.75 -13.03
C PHE E 30 6.15 -29.77 -11.58
N ALA E 31 6.39 -28.70 -10.83
CA ALA E 31 5.88 -28.59 -9.48
C ALA E 31 4.38 -28.88 -9.45
N ALA E 32 3.61 -28.09 -10.20
CA ALA E 32 2.18 -28.35 -10.30
C ALA E 32 1.92 -29.77 -10.80
N LEU E 33 2.74 -30.25 -11.74
CA LEU E 33 2.58 -31.60 -12.23
C LEU E 33 2.71 -32.60 -11.09
N ILE E 34 3.69 -32.40 -10.20
CA ILE E 34 3.77 -33.21 -8.99
C ILE E 34 2.47 -33.09 -8.21
N ASN E 35 2.05 -31.86 -7.93
CA ASN E 35 0.77 -31.62 -7.26
C ASN E 35 -0.39 -32.19 -8.05
N GLY E 36 -0.22 -32.43 -9.35
CA GLY E 36 -1.25 -33.06 -10.13
C GLY E 36 -1.26 -34.56 -9.98
N VAL E 37 -0.07 -35.16 -9.87
CA VAL E 37 0.04 -36.61 -9.83
C VAL E 37 0.09 -37.16 -8.40
N SER E 38 0.63 -36.40 -7.45
CA SER E 38 0.67 -36.86 -6.06
C SER E 38 -0.67 -36.70 -5.37
N ARG E 39 -1.54 -35.81 -5.86
CA ARG E 39 -2.84 -35.61 -5.25
C ARG E 39 -3.83 -36.65 -5.75
N ASN E 40 -3.93 -36.82 -7.07
CA ASN E 40 -4.78 -37.82 -7.70
C ASN E 40 -3.88 -38.77 -8.49
N PRO E 41 -3.46 -39.88 -7.89
CA PRO E 41 -2.47 -40.75 -8.53
C PRO E 41 -2.98 -41.47 -9.77
N SER E 42 -4.24 -41.24 -10.14
CA SER E 42 -4.85 -41.86 -11.31
C SER E 42 -4.92 -40.91 -12.50
N ILE E 43 -3.93 -40.03 -12.65
CA ILE E 43 -3.93 -39.02 -13.70
C ILE E 43 -2.61 -38.95 -14.45
N LYS E 44 -1.64 -39.80 -14.11
CA LYS E 44 -0.30 -39.68 -14.67
C LYS E 44 -0.31 -39.77 -16.20
N ASP E 45 -0.74 -40.91 -16.73
CA ASP E 45 -0.76 -41.10 -18.18
C ASP E 45 -1.77 -40.20 -18.87
N THR E 46 -2.68 -39.57 -18.12
CA THR E 46 -3.69 -38.72 -18.73
C THR E 46 -3.14 -37.34 -19.03
N VAL E 47 -2.45 -36.74 -18.07
CA VAL E 47 -1.99 -35.34 -18.20
C VAL E 47 -0.48 -35.22 -18.37
N PHE E 48 0.26 -36.33 -18.37
CA PHE E 48 1.68 -36.24 -18.66
C PHE E 48 1.96 -35.77 -20.09
N PRO E 49 1.26 -36.24 -21.13
CA PRO E 49 1.42 -35.58 -22.44
C PRO E 49 0.99 -34.13 -22.42
N MET E 50 -0.08 -33.81 -21.71
CA MET E 50 -0.46 -32.41 -21.53
C MET E 50 0.66 -31.63 -20.85
N ALA E 51 1.32 -32.25 -19.87
CA ALA E 51 2.40 -31.57 -19.17
C ALA E 51 3.60 -31.31 -20.09
N ILE E 52 4.00 -32.31 -20.87
CA ILE E 52 5.14 -32.10 -21.75
C ILE E 52 4.79 -31.12 -22.86
N LEU E 53 3.52 -31.09 -23.30
CA LEU E 53 3.08 -30.09 -24.26
C LEU E 53 3.21 -28.69 -23.66
N GLY E 54 2.66 -28.49 -22.46
CA GLY E 54 2.80 -27.21 -21.80
C GLY E 54 4.24 -26.84 -21.53
N PHE E 55 5.13 -27.83 -21.42
CA PHE E 55 6.54 -27.56 -21.24
C PHE E 55 7.19 -27.06 -22.52
N ALA E 56 6.93 -27.74 -23.64
CA ALA E 56 7.73 -27.53 -24.84
C ALA E 56 7.65 -26.10 -25.35
N LEU E 57 6.46 -25.71 -25.78
CA LEU E 57 6.24 -24.38 -26.32
C LEU E 57 6.54 -23.27 -25.32
N SER E 58 6.44 -23.58 -24.04
CA SER E 58 6.64 -22.57 -23.01
C SER E 58 8.11 -22.29 -22.75
N GLU E 59 8.92 -23.33 -22.92
CA GLU E 59 10.34 -23.22 -22.81
C GLU E 59 10.77 -22.52 -24.09
N ALA E 60 10.04 -22.79 -25.19
CA ALA E 60 10.36 -22.19 -26.47
C ALA E 60 10.68 -20.70 -26.32
N THR E 61 10.19 -20.08 -25.24
CA THR E 61 10.57 -18.69 -24.96
C THR E 61 12.07 -18.57 -24.67
N GLY E 62 12.58 -19.45 -23.80
CA GLY E 62 14.01 -19.51 -23.58
C GLY E 62 14.77 -19.88 -24.83
N LEU E 63 14.15 -20.70 -25.68
CA LEU E 63 14.76 -21.08 -26.94
C LEU E 63 14.97 -19.80 -27.76
N PHE E 64 13.90 -19.06 -27.98
CA PHE E 64 13.98 -17.81 -28.72
C PHE E 64 15.00 -16.87 -28.10
N CYS E 65 14.99 -16.73 -26.78
CA CYS E 65 15.90 -15.79 -26.12
C CYS E 65 17.36 -16.15 -26.38
N LEU E 66 17.76 -17.39 -26.09
CA LEU E 66 19.18 -17.68 -26.25
C LEU E 66 19.57 -17.75 -27.71
N MET E 67 18.64 -18.07 -28.63
CA MET E 67 19.05 -18.09 -30.02
C MET E 67 19.16 -16.69 -30.59
N VAL E 68 18.35 -15.75 -30.09
CA VAL E 68 18.60 -14.35 -30.40
C VAL E 68 19.95 -13.91 -29.84
N SER E 69 20.29 -14.39 -28.64
CA SER E 69 21.61 -14.09 -28.09
C SER E 69 22.72 -14.61 -29.00
N PHE E 70 22.57 -15.83 -29.52
CA PHE E 70 23.56 -16.36 -30.46
C PHE E 70 23.65 -15.50 -31.72
N LEU E 71 22.51 -15.25 -32.38
CA LEU E 71 22.54 -14.50 -33.62
C LEU E 71 23.00 -13.06 -33.44
N LEU E 72 22.90 -12.51 -32.23
CA LEU E 72 23.48 -11.21 -31.94
C LEU E 72 24.97 -11.31 -31.63
N LEU E 73 25.42 -12.44 -31.10
CA LEU E 73 26.85 -12.65 -30.86
C LEU E 73 27.64 -12.70 -32.16
N PHE E 74 27.04 -13.18 -33.24
CA PHE E 74 27.71 -13.27 -34.54
C PHE E 74 27.27 -12.15 -35.46
N GLN F 2 28.76 4.99 -36.70
CA GLN F 2 28.95 3.58 -36.40
C GLN F 2 28.36 3.29 -35.02
N LEU F 3 28.11 4.37 -34.28
CA LEU F 3 27.54 4.23 -32.94
C LEU F 3 26.06 3.89 -32.98
N VAL F 4 25.37 4.27 -34.06
CA VAL F 4 23.91 4.13 -34.08
C VAL F 4 23.50 2.67 -34.19
N LEU F 5 24.16 1.89 -35.05
CA LEU F 5 23.77 0.49 -35.19
C LEU F 5 24.25 -0.34 -34.00
N ALA F 6 25.40 0.01 -33.42
CA ALA F 6 25.82 -0.63 -32.18
C ALA F 6 24.82 -0.35 -31.07
N ALA F 7 24.31 0.87 -31.00
CA ALA F 7 23.28 1.20 -30.01
C ALA F 7 21.99 0.43 -30.27
N LYS F 8 21.60 0.32 -31.55
CA LYS F 8 20.44 -0.49 -31.91
C LYS F 8 20.61 -1.93 -31.42
N TYR F 9 21.81 -2.48 -31.60
CA TYR F 9 22.06 -3.86 -31.17
C TYR F 9 21.95 -3.98 -29.65
N ILE F 10 22.62 -3.09 -28.92
CA ILE F 10 22.66 -3.22 -27.47
C ILE F 10 21.29 -2.93 -26.87
N GLY F 11 20.46 -2.13 -27.54
CA GLY F 11 19.10 -1.93 -27.09
C GLY F 11 18.19 -3.10 -27.43
N ALA F 12 18.44 -3.75 -28.56
CA ALA F 12 17.71 -4.97 -28.87
C ALA F 12 18.09 -6.10 -27.91
N GLY F 13 19.27 -5.99 -27.29
CA GLY F 13 19.65 -6.99 -26.30
C GLY F 13 18.67 -7.12 -25.16
N ILE F 14 18.29 -5.98 -24.56
CA ILE F 14 17.37 -5.99 -23.43
C ILE F 14 15.93 -5.77 -23.90
N SER F 15 15.69 -5.90 -25.20
CA SER F 15 14.33 -6.01 -25.69
C SER F 15 13.87 -7.46 -25.78
N THR F 16 14.80 -8.41 -25.71
CA THR F 16 14.44 -9.81 -25.77
C THR F 16 14.15 -10.37 -24.38
N ILE F 17 14.37 -9.58 -23.34
CA ILE F 17 14.12 -10.03 -21.98
C ILE F 17 12.69 -9.69 -21.60
N GLY F 18 11.88 -9.32 -22.60
CA GLY F 18 10.47 -9.13 -22.38
C GLY F 18 9.69 -10.42 -22.32
N LEU F 19 10.23 -11.49 -22.91
CA LEU F 19 9.62 -12.81 -22.82
C LEU F 19 9.77 -13.43 -21.44
N LEU F 20 10.56 -12.81 -20.56
CA LEU F 20 10.51 -13.11 -19.13
C LEU F 20 9.08 -13.26 -18.64
N GLY F 21 8.27 -12.24 -18.92
CA GLY F 21 6.86 -12.30 -18.55
C GLY F 21 6.14 -13.46 -19.22
N ALA F 22 6.39 -13.66 -20.50
CA ALA F 22 5.85 -14.84 -21.18
C ALA F 22 6.37 -16.12 -20.52
N GLY F 23 7.69 -16.25 -20.41
CA GLY F 23 8.28 -17.43 -19.82
C GLY F 23 7.75 -17.79 -18.45
N ILE F 24 7.24 -16.82 -17.70
CA ILE F 24 6.61 -17.11 -16.42
C ILE F 24 5.12 -17.40 -16.58
N GLY F 25 4.40 -16.55 -17.31
CA GLY F 25 2.96 -16.63 -17.38
C GLY F 25 2.40 -17.78 -18.20
N ILE F 26 2.94 -17.99 -19.40
CA ILE F 26 2.48 -19.10 -20.23
C ILE F 26 2.89 -20.43 -19.64
N ALA F 27 3.64 -20.43 -18.54
CA ALA F 27 3.96 -21.63 -17.77
C ALA F 27 3.05 -21.77 -16.56
N ILE F 28 2.75 -20.68 -15.86
CA ILE F 28 1.79 -20.76 -14.76
C ILE F 28 0.40 -21.09 -15.30
N VAL F 29 0.12 -20.78 -16.56
CA VAL F 29 -1.15 -21.20 -17.17
C VAL F 29 -1.27 -22.72 -17.14
N PHE F 30 -0.24 -23.42 -17.64
CA PHE F 30 -0.28 -24.88 -17.60
C PHE F 30 -0.17 -25.41 -16.19
N ALA F 31 0.49 -24.68 -15.29
CA ALA F 31 0.52 -25.09 -13.88
C ALA F 31 -0.90 -25.13 -13.31
N ALA F 32 -1.66 -24.05 -13.52
CA ALA F 32 -3.05 -24.03 -13.07
C ALA F 32 -3.89 -25.07 -13.81
N LEU F 33 -3.62 -25.28 -15.09
CA LEU F 33 -4.34 -26.31 -15.84
C LEU F 33 -4.14 -27.68 -15.21
N ILE F 34 -2.91 -28.02 -14.86
CA ILE F 34 -2.63 -29.30 -14.22
C ILE F 34 -3.29 -29.38 -12.86
N ASN F 35 -3.16 -28.32 -12.06
CA ASN F 35 -3.77 -28.30 -10.73
C ASN F 35 -5.30 -28.33 -10.77
N GLY F 36 -5.90 -27.98 -11.90
CA GLY F 36 -7.34 -28.01 -12.02
C GLY F 36 -7.87 -29.30 -12.61
N VAL F 37 -7.17 -29.85 -13.60
CA VAL F 37 -7.60 -31.10 -14.22
C VAL F 37 -7.40 -32.29 -13.29
N SER F 38 -6.42 -32.22 -12.39
CA SER F 38 -6.21 -33.30 -11.43
C SER F 38 -7.33 -33.33 -10.39
N ARG F 39 -7.99 -32.20 -10.16
CA ARG F 39 -9.10 -32.16 -9.22
C ARG F 39 -10.38 -32.70 -9.84
N ASN F 40 -10.53 -32.57 -11.16
CA ASN F 40 -11.68 -33.10 -11.87
C ASN F 40 -11.26 -33.58 -13.25
N PRO F 41 -10.89 -34.86 -13.39
CA PRO F 41 -10.37 -35.35 -14.67
C PRO F 41 -11.43 -35.38 -15.78
N SER F 42 -12.69 -35.51 -15.40
CA SER F 42 -13.76 -35.62 -16.38
C SER F 42 -13.91 -34.36 -17.23
N ILE F 43 -13.62 -33.19 -16.67
CA ILE F 43 -13.73 -31.93 -17.42
C ILE F 43 -12.36 -31.68 -18.04
N LYS F 44 -12.15 -32.28 -19.20
CA LYS F 44 -10.90 -32.14 -19.96
C LYS F 44 -11.09 -31.48 -21.31
N ASP F 45 -12.07 -31.95 -22.10
CA ASP F 45 -12.34 -31.33 -23.39
C ASP F 45 -13.01 -29.97 -23.24
N THR F 46 -13.40 -29.60 -22.01
CA THR F 46 -14.06 -28.32 -21.81
C THR F 46 -13.07 -27.22 -21.44
N VAL F 47 -12.09 -27.54 -20.60
CA VAL F 47 -11.15 -26.54 -20.11
C VAL F 47 -9.86 -26.47 -20.93
N PHE F 48 -9.46 -27.56 -21.59
CA PHE F 48 -8.24 -27.54 -22.39
C PHE F 48 -8.33 -26.55 -23.54
N PRO F 49 -9.47 -26.48 -24.22
CA PRO F 49 -9.53 -25.49 -25.29
C PRO F 49 -9.32 -24.15 -24.61
N MET F 50 -10.15 -23.91 -23.60
CA MET F 50 -10.13 -22.69 -22.81
C MET F 50 -8.73 -22.41 -22.31
N ALA F 51 -8.13 -23.42 -21.68
CA ALA F 51 -6.79 -23.28 -21.15
C ALA F 51 -5.80 -22.83 -22.22
N ILE F 52 -5.85 -23.47 -23.38
CA ILE F 52 -4.95 -23.11 -24.46
C ILE F 52 -5.22 -21.70 -24.97
N LEU F 53 -6.37 -21.52 -25.60
CA LEU F 53 -6.71 -20.21 -26.17
C LEU F 53 -6.05 -19.09 -25.38
N GLY F 54 -6.19 -19.13 -24.04
CA GLY F 54 -5.51 -18.18 -23.20
C GLY F 54 -4.01 -18.21 -23.39
N PHE F 55 -3.47 -19.41 -23.54
CA PHE F 55 -2.04 -19.54 -23.77
C PHE F 55 -1.65 -18.85 -25.07
N ALA F 56 -2.43 -19.07 -26.12
CA ALA F 56 -2.14 -18.43 -27.39
C ALA F 56 -2.24 -16.93 -27.19
N LEU F 57 -3.46 -16.47 -26.91
CA LEU F 57 -3.73 -15.05 -26.71
C LEU F 57 -2.77 -14.36 -25.76
N SER F 58 -2.49 -14.97 -24.61
CA SER F 58 -1.59 -14.35 -23.65
C SER F 58 -0.13 -14.42 -24.09
N GLU F 59 0.18 -15.41 -24.92
CA GLU F 59 1.51 -15.52 -25.44
C GLU F 59 1.75 -14.28 -26.31
N ALA F 60 2.88 -14.25 -27.00
CA ALA F 60 3.16 -13.09 -27.81
C ALA F 60 3.72 -11.98 -26.93
N THR F 61 3.68 -12.17 -25.61
CA THR F 61 4.20 -11.18 -24.68
C THR F 61 5.66 -10.97 -25.03
N GLY F 62 6.40 -12.07 -25.09
CA GLY F 62 7.79 -12.01 -25.46
C GLY F 62 7.87 -11.84 -26.96
N LEU F 63 6.97 -12.48 -27.69
CA LEU F 63 6.95 -12.41 -29.15
C LEU F 63 6.78 -11.01 -29.72
N PHE F 64 6.02 -10.15 -29.04
CA PHE F 64 5.83 -8.78 -29.48
C PHE F 64 6.92 -7.88 -28.91
N CYS F 65 7.71 -8.43 -28.00
CA CYS F 65 8.82 -7.69 -27.40
C CYS F 65 10.11 -8.12 -28.11
N LEU F 66 10.11 -9.31 -28.67
CA LEU F 66 11.26 -9.84 -29.39
C LEU F 66 11.24 -9.35 -30.83
N MET F 67 10.08 -8.85 -31.27
CA MET F 67 9.92 -8.31 -32.60
C MET F 67 10.64 -6.97 -32.65
N VAL F 68 10.58 -6.25 -31.53
CA VAL F 68 11.24 -4.96 -31.38
C VAL F 68 12.71 -5.11 -31.75
N SER F 69 13.37 -6.08 -31.13
CA SER F 69 14.77 -6.34 -31.40
C SER F 69 15.01 -6.54 -32.89
N PHE F 70 14.30 -7.50 -33.47
CA PHE F 70 14.41 -7.81 -34.89
C PHE F 70 14.18 -6.54 -35.71
N LEU F 71 13.08 -5.86 -35.42
CA LEU F 71 12.78 -4.62 -36.10
C LEU F 71 13.93 -3.69 -35.77
N LEU F 72 14.31 -3.70 -34.50
CA LEU F 72 15.43 -2.90 -34.01
C LEU F 72 16.77 -3.49 -34.46
N LEU F 73 16.81 -4.78 -34.78
CA LEU F 73 18.01 -5.38 -35.34
C LEU F 73 18.16 -5.03 -36.81
N PHE F 74 17.04 -4.90 -37.51
CA PHE F 74 17.05 -4.55 -38.93
C PHE F 74 16.19 -3.32 -39.20
N GLN G 2 24.90 12.61 -33.69
CA GLN G 2 24.64 11.21 -34.01
C GLN G 2 24.26 10.45 -32.74
N LEU G 3 24.21 11.16 -31.62
CA LEU G 3 23.87 10.54 -30.35
C LEU G 3 22.36 10.49 -30.12
N VAL G 4 21.63 11.43 -30.72
CA VAL G 4 20.21 11.56 -30.40
C VAL G 4 19.39 10.40 -30.96
N LEU G 5 19.68 9.96 -32.18
CA LEU G 5 18.91 8.85 -32.75
C LEU G 5 19.30 7.51 -32.14
N ALA G 6 20.59 7.32 -31.84
CA ALA G 6 21.00 6.13 -31.11
C ALA G 6 20.36 6.08 -29.73
N ALA G 7 20.22 7.24 -29.08
CA ALA G 7 19.55 7.30 -27.79
C ALA G 7 18.07 7.00 -27.93
N LYS G 8 17.42 7.52 -28.97
CA LYS G 8 16.04 7.16 -29.26
C LYS G 8 15.88 5.65 -29.41
N TYR G 9 16.81 5.02 -30.11
CA TYR G 9 16.70 3.59 -30.37
C TYR G 9 16.93 2.77 -29.10
N ILE G 10 17.94 3.13 -28.30
CA ILE G 10 18.12 2.40 -27.06
C ILE G 10 17.01 2.71 -26.07
N GLY G 11 16.34 3.86 -26.21
CA GLY G 11 15.19 4.14 -25.37
C GLY G 11 13.97 3.31 -25.76
N ALA G 12 13.80 3.09 -27.06
CA ALA G 12 12.78 2.15 -27.50
C ALA G 12 13.12 0.73 -27.04
N GLY G 13 14.40 0.41 -26.95
CA GLY G 13 14.79 -0.91 -26.47
C GLY G 13 14.55 -1.10 -24.98
N ILE G 14 14.95 -0.12 -24.17
CA ILE G 14 14.80 -0.22 -22.72
C ILE G 14 13.35 -0.21 -22.28
N SER G 15 12.46 0.40 -23.05
CA SER G 15 11.04 0.45 -22.72
C SER G 15 10.27 -0.73 -23.28
N THR G 16 10.94 -1.83 -23.61
CA THR G 16 10.27 -2.97 -24.21
C THR G 16 9.60 -3.85 -23.16
N ILE G 17 10.20 -3.96 -21.97
CA ILE G 17 9.75 -4.95 -21.00
C ILE G 17 8.61 -4.46 -20.13
N GLY G 18 8.01 -3.31 -20.44
CA GLY G 18 6.83 -2.88 -19.71
C GLY G 18 5.69 -3.86 -19.82
N LEU G 19 5.32 -4.25 -21.04
CA LEU G 19 4.33 -5.29 -21.24
C LEU G 19 4.75 -6.61 -20.59
N LEU G 20 5.98 -6.67 -20.08
CA LEU G 20 6.38 -7.71 -19.12
C LEU G 20 5.24 -8.01 -18.17
N GLY G 21 4.65 -6.96 -17.58
CA GLY G 21 3.49 -7.16 -16.72
C GLY G 21 2.42 -8.00 -17.37
N ALA G 22 1.91 -7.54 -18.51
CA ALA G 22 0.96 -8.35 -19.26
C ALA G 22 1.49 -9.75 -19.48
N GLY G 23 2.77 -9.87 -19.88
CA GLY G 23 3.36 -11.18 -20.11
C GLY G 23 3.08 -12.16 -18.99
N ILE G 24 3.11 -11.70 -17.74
CA ILE G 24 2.66 -12.53 -16.64
C ILE G 24 1.19 -12.28 -16.36
N GLY G 25 0.80 -11.01 -16.30
CA GLY G 25 -0.47 -10.60 -15.74
C GLY G 25 -1.68 -11.32 -16.29
N ILE G 26 -1.98 -11.12 -17.57
CA ILE G 26 -3.13 -11.76 -18.20
C ILE G 26 -3.12 -13.26 -17.95
N ALA G 27 -1.93 -13.88 -17.96
CA ALA G 27 -1.85 -15.32 -17.74
C ALA G 27 -2.42 -15.70 -16.37
N ILE G 28 -2.03 -14.96 -15.33
CA ILE G 28 -2.58 -15.18 -14.00
C ILE G 28 -4.10 -15.23 -14.06
N VAL G 29 -4.71 -14.34 -14.85
CA VAL G 29 -6.15 -14.33 -15.00
C VAL G 29 -6.65 -15.70 -15.43
N PHE G 30 -6.12 -16.20 -16.57
CA PHE G 30 -6.52 -17.52 -17.03
C PHE G 30 -6.23 -18.58 -15.99
N ALA G 31 -5.17 -18.40 -15.19
CA ALA G 31 -4.91 -19.30 -14.08
C ALA G 31 -6.15 -19.43 -13.20
N ALA G 32 -6.66 -18.31 -12.69
CA ALA G 32 -7.90 -18.37 -11.92
C ALA G 32 -9.05 -18.89 -12.78
N LEU G 33 -9.07 -18.54 -14.06
CA LEU G 33 -10.11 -19.04 -14.95
C LEU G 33 -10.10 -20.57 -14.99
N ILE G 34 -8.94 -21.17 -14.77
CA ILE G 34 -8.89 -22.62 -14.65
C ILE G 34 -9.29 -23.06 -13.25
N ASN G 35 -8.83 -22.35 -12.23
CA ASN G 35 -9.20 -22.66 -10.86
C ASN G 35 -10.63 -22.23 -10.52
N GLY G 36 -11.23 -21.37 -11.33
CA GLY G 36 -12.62 -21.00 -11.13
C GLY G 36 -13.61 -22.02 -11.62
N VAL G 37 -13.16 -23.02 -12.37
CA VAL G 37 -14.03 -24.06 -12.90
C VAL G 37 -13.69 -25.44 -12.37
N SER G 38 -12.48 -25.67 -11.87
CA SER G 38 -12.12 -26.97 -11.31
C SER G 38 -12.96 -27.26 -10.08
N ARG G 39 -13.01 -26.33 -9.13
CA ARG G 39 -13.82 -26.48 -7.93
C ARG G 39 -15.25 -26.01 -8.13
N ASN G 40 -15.63 -25.67 -9.36
CA ASN G 40 -16.99 -25.24 -9.67
C ASN G 40 -17.24 -25.41 -11.16
N PRO G 41 -17.47 -26.64 -11.64
CA PRO G 41 -17.67 -26.85 -13.09
C PRO G 41 -18.93 -26.22 -13.63
N SER G 42 -19.87 -25.81 -12.78
CA SER G 42 -21.16 -25.34 -13.27
C SER G 42 -21.04 -23.97 -13.92
N ILE G 43 -20.52 -22.98 -13.18
CA ILE G 43 -20.51 -21.59 -13.64
C ILE G 43 -19.36 -21.43 -14.62
N LYS G 44 -19.66 -21.47 -15.92
CA LYS G 44 -18.68 -21.24 -16.97
C LYS G 44 -18.97 -19.97 -17.76
N ASP G 45 -20.17 -19.86 -18.34
CA ASP G 45 -20.53 -18.76 -19.21
C ASP G 45 -20.83 -17.46 -18.47
N THR G 46 -20.70 -17.45 -17.14
CA THR G 46 -20.82 -16.23 -16.36
C THR G 46 -19.47 -15.65 -15.96
N VAL G 47 -18.53 -16.50 -15.59
CA VAL G 47 -17.18 -16.04 -15.25
C VAL G 47 -16.34 -15.77 -16.49
N PHE G 48 -16.64 -16.44 -17.61
CA PHE G 48 -15.86 -16.21 -18.82
C PHE G 48 -15.97 -14.80 -19.38
N PRO G 49 -17.15 -14.15 -19.42
CA PRO G 49 -17.17 -12.75 -19.87
C PRO G 49 -16.38 -11.82 -18.97
N MET G 50 -16.50 -11.99 -17.65
CA MET G 50 -15.69 -11.21 -16.73
C MET G 50 -14.20 -11.44 -16.95
N ALA G 51 -13.82 -12.69 -17.20
CA ALA G 51 -12.41 -13.02 -17.39
C ALA G 51 -11.87 -12.38 -18.67
N ILE G 52 -12.64 -12.44 -19.77
CA ILE G 52 -12.18 -11.85 -21.00
C ILE G 52 -12.19 -10.32 -20.93
N LEU G 53 -13.12 -9.73 -20.18
CA LEU G 53 -13.11 -8.29 -19.98
C LEU G 53 -11.86 -7.88 -19.21
N GLY G 54 -11.55 -8.59 -18.12
CA GLY G 54 -10.32 -8.34 -17.39
C GLY G 54 -9.09 -8.52 -18.25
N PHE G 55 -9.05 -9.58 -19.06
CA PHE G 55 -7.98 -9.76 -20.02
C PHE G 55 -7.83 -8.54 -20.92
N ALA G 56 -8.95 -8.04 -21.44
CA ALA G 56 -8.89 -6.90 -22.36
C ALA G 56 -8.30 -5.68 -21.68
N LEU G 57 -8.89 -5.23 -20.57
CA LEU G 57 -8.42 -3.99 -19.96
C LEU G 57 -7.20 -4.21 -19.07
N SER G 58 -6.63 -5.42 -19.06
CA SER G 58 -5.30 -5.65 -18.51
C SER G 58 -4.22 -5.67 -19.58
N GLU G 59 -4.58 -6.16 -20.76
CA GLU G 59 -3.69 -6.18 -21.89
C GLU G 59 -3.50 -4.73 -22.32
N ALA G 60 -4.58 -3.94 -22.20
CA ALA G 60 -4.50 -2.52 -22.55
C ALA G 60 -3.30 -1.85 -21.88
N THR G 61 -3.00 -2.32 -20.67
CA THR G 61 -1.91 -1.83 -19.85
C THR G 61 -0.60 -2.28 -20.46
N GLY G 62 -0.62 -3.47 -21.03
CA GLY G 62 0.57 -4.02 -21.67
C GLY G 62 0.91 -3.15 -22.85
N LEU G 63 -0.13 -2.81 -23.62
CA LEU G 63 0.00 -1.98 -24.80
C LEU G 63 0.48 -0.57 -24.43
N PHE G 64 -0.36 0.18 -23.72
CA PHE G 64 0.04 1.53 -23.35
C PHE G 64 1.55 1.65 -23.22
N CYS G 65 2.25 0.52 -23.28
CA CYS G 65 3.71 0.50 -23.26
C CYS G 65 4.32 0.25 -24.64
N LEU G 66 3.82 -0.74 -25.38
CA LEU G 66 4.45 -0.96 -26.67
C LEU G 66 4.05 0.10 -27.69
N MET G 67 2.95 0.83 -27.50
CA MET G 67 2.70 1.94 -28.40
C MET G 67 3.62 3.13 -28.07
N VAL G 68 3.97 3.29 -26.78
CA VAL G 68 5.05 4.22 -26.43
C VAL G 68 6.34 3.81 -27.11
N SER G 69 6.64 2.51 -27.10
CA SER G 69 7.85 2.03 -27.77
C SER G 69 7.80 2.34 -29.27
N PHE G 70 6.64 2.13 -29.89
CA PHE G 70 6.48 2.44 -31.31
C PHE G 70 6.72 3.91 -31.59
N LEU G 71 6.00 4.80 -30.91
CA LEU G 71 6.10 6.22 -31.16
C LEU G 71 7.43 6.81 -30.69
N LEU G 72 8.20 6.07 -29.89
CA LEU G 72 9.57 6.47 -29.56
C LEU G 72 10.59 5.98 -30.58
N LEU G 73 10.32 4.85 -31.22
CA LEU G 73 11.15 4.44 -32.36
C LEU G 73 11.13 5.48 -33.46
N PHE G 74 9.98 6.11 -33.69
CA PHE G 74 9.82 7.10 -34.74
C PHE G 74 10.45 8.44 -34.33
N GLN H 2 21.54 20.43 -27.24
CA GLN H 2 21.41 19.52 -28.37
C GLN H 2 21.70 18.09 -27.91
N LEU H 3 22.07 17.95 -26.64
CA LEU H 3 22.35 16.67 -26.02
C LEU H 3 21.31 16.28 -24.99
N VAL H 4 20.60 17.25 -24.42
CA VAL H 4 19.69 16.96 -23.32
C VAL H 4 18.43 16.23 -23.81
N LEU H 5 18.02 16.43 -25.07
CA LEU H 5 16.81 15.77 -25.55
C LEU H 5 17.01 14.28 -25.73
N ALA H 6 18.22 13.83 -26.06
CA ALA H 6 18.50 12.39 -26.09
C ALA H 6 18.34 11.77 -24.71
N ALA H 7 18.85 12.46 -23.68
CA ALA H 7 18.66 11.97 -22.31
C ALA H 7 17.20 12.02 -21.91
N LYS H 8 16.46 13.04 -22.35
CA LYS H 8 15.02 13.07 -22.12
C LYS H 8 14.34 11.85 -22.72
N TYR H 9 14.72 11.48 -23.94
CA TYR H 9 14.11 10.33 -24.59
C TYR H 9 14.44 9.03 -23.87
N ILE H 10 15.71 8.85 -23.49
CA ILE H 10 16.04 7.59 -22.81
C ILE H 10 15.44 7.58 -21.40
N GLY H 11 15.24 8.76 -20.80
CA GLY H 11 14.55 8.81 -19.52
C GLY H 11 13.08 8.44 -19.64
N ALA H 12 12.43 8.91 -20.70
CA ALA H 12 11.08 8.45 -20.98
C ALA H 12 11.05 6.95 -21.26
N GLY H 13 12.12 6.39 -21.82
CA GLY H 13 12.22 4.96 -22.01
C GLY H 13 12.28 4.20 -20.70
N ILE H 14 13.23 4.56 -19.83
CA ILE H 14 13.34 3.90 -18.53
C ILE H 14 12.15 4.18 -17.63
N SER H 15 11.42 5.27 -17.86
CA SER H 15 10.25 5.63 -17.07
C SER H 15 8.96 5.22 -17.75
N THR H 16 8.97 4.09 -18.44
CA THR H 16 7.79 3.56 -19.11
C THR H 16 7.42 2.16 -18.66
N ILE H 17 8.39 1.36 -18.22
CA ILE H 17 8.16 -0.03 -17.88
C ILE H 17 7.57 -0.13 -16.47
N GLY H 18 7.38 1.02 -15.82
CA GLY H 18 6.80 1.03 -14.48
C GLY H 18 5.39 0.52 -14.42
N LEU H 19 4.70 0.42 -15.55
CA LEU H 19 3.37 -0.17 -15.59
C LEU H 19 3.41 -1.68 -15.42
N LEU H 20 4.59 -2.26 -15.22
CA LEU H 20 4.69 -3.63 -14.73
C LEU H 20 3.83 -3.83 -13.50
N GLY H 21 3.84 -2.85 -12.60
CA GLY H 21 3.03 -2.94 -11.39
C GLY H 21 1.55 -3.08 -11.69
N ALA H 22 1.03 -2.20 -12.54
CA ALA H 22 -0.38 -2.28 -12.91
C ALA H 22 -0.68 -3.59 -13.63
N GLY H 23 0.17 -3.98 -14.57
CA GLY H 23 -0.07 -5.18 -15.34
C GLY H 23 -0.15 -6.43 -14.48
N ILE H 24 0.71 -6.53 -13.47
CA ILE H 24 0.61 -7.65 -12.55
C ILE H 24 -0.59 -7.48 -11.62
N GLY H 25 -0.82 -6.26 -11.15
CA GLY H 25 -1.77 -6.00 -10.09
C GLY H 25 -3.22 -6.10 -10.45
N ILE H 26 -3.66 -5.38 -11.48
CA ILE H 26 -5.04 -5.50 -11.90
C ILE H 26 -5.34 -6.93 -12.34
N ALA H 27 -4.33 -7.62 -12.88
CA ALA H 27 -4.52 -9.00 -13.30
C ALA H 27 -4.77 -9.91 -12.11
N ILE H 28 -3.95 -9.80 -11.06
CA ILE H 28 -4.19 -10.63 -9.88
C ILE H 28 -5.47 -10.21 -9.15
N VAL H 29 -5.87 -8.95 -9.25
CA VAL H 29 -7.17 -8.55 -8.69
C VAL H 29 -8.30 -9.28 -9.41
N PHE H 30 -8.30 -9.25 -10.74
CA PHE H 30 -9.31 -10.00 -11.47
C PHE H 30 -9.21 -11.50 -11.23
N ALA H 31 -8.01 -12.02 -10.98
CA ALA H 31 -7.86 -13.44 -10.68
C ALA H 31 -8.56 -13.80 -9.37
N ALA H 32 -8.29 -13.02 -8.32
CA ALA H 32 -9.00 -13.22 -7.06
C ALA H 32 -10.50 -13.02 -7.20
N LEU H 33 -10.92 -12.08 -8.05
CA LEU H 33 -12.35 -11.89 -8.30
C LEU H 33 -12.96 -13.12 -8.96
N ILE H 34 -12.26 -13.71 -9.93
CA ILE H 34 -12.71 -14.95 -10.55
C ILE H 34 -12.84 -16.04 -9.51
N ASN H 35 -11.82 -16.20 -8.67
CA ASN H 35 -11.87 -17.22 -7.62
C ASN H 35 -13.06 -17.00 -6.69
N GLY H 36 -13.28 -15.76 -6.26
CA GLY H 36 -14.38 -15.44 -5.38
C GLY H 36 -15.74 -15.72 -5.97
N VAL H 37 -15.99 -15.21 -7.18
CA VAL H 37 -17.27 -15.45 -7.83
C VAL H 37 -17.46 -16.91 -8.19
N SER H 38 -16.39 -17.68 -8.33
CA SER H 38 -16.51 -19.11 -8.58
C SER H 38 -16.92 -19.84 -7.31
N ARG H 39 -16.20 -19.60 -6.21
CA ARG H 39 -16.53 -20.29 -4.97
C ARG H 39 -17.75 -19.71 -4.27
N ASN H 40 -18.33 -18.63 -4.80
CA ASN H 40 -19.54 -18.05 -4.25
C ASN H 40 -20.41 -17.54 -5.39
N PRO H 41 -21.46 -18.27 -5.76
CA PRO H 41 -22.25 -17.89 -6.94
C PRO H 41 -23.06 -16.61 -6.77
N SER H 42 -23.60 -16.39 -5.56
CA SER H 42 -24.55 -15.31 -5.31
C SER H 42 -23.90 -14.08 -4.70
N ILE H 43 -22.67 -13.77 -5.09
CA ILE H 43 -21.95 -12.61 -4.56
C ILE H 43 -21.46 -11.67 -5.64
N LYS H 44 -21.66 -12.02 -6.92
CA LYS H 44 -21.09 -11.25 -8.04
C LYS H 44 -21.44 -9.76 -7.93
N ASP H 45 -22.73 -9.45 -7.98
CA ASP H 45 -23.17 -8.05 -7.94
C ASP H 45 -22.71 -7.32 -6.68
N THR H 46 -22.26 -8.04 -5.66
CA THR H 46 -21.77 -7.39 -4.45
C THR H 46 -20.28 -7.08 -4.56
N VAL H 47 -19.51 -7.93 -5.23
CA VAL H 47 -18.06 -7.82 -5.26
C VAL H 47 -17.57 -7.09 -6.50
N PHE H 48 -18.26 -7.25 -7.63
CA PHE H 48 -17.78 -6.64 -8.87
C PHE H 48 -17.65 -5.12 -8.82
N PRO H 49 -18.57 -4.35 -8.21
CA PRO H 49 -18.32 -2.91 -8.05
C PRO H 49 -17.06 -2.66 -7.24
N MET H 50 -17.02 -3.18 -6.02
CA MET H 50 -15.83 -3.06 -5.19
C MET H 50 -14.59 -3.50 -5.95
N ALA H 51 -14.66 -4.65 -6.62
CA ALA H 51 -13.54 -5.12 -7.43
C ALA H 51 -13.13 -4.09 -8.46
N ILE H 52 -14.09 -3.56 -9.24
CA ILE H 52 -13.71 -2.56 -10.22
C ILE H 52 -13.28 -1.28 -9.53
N LEU H 53 -13.80 -1.01 -8.33
CA LEU H 53 -13.18 0.00 -7.48
C LEU H 53 -11.70 -0.30 -7.32
N GLY H 54 -11.38 -1.50 -6.81
CA GLY H 54 -10.02 -1.94 -6.66
C GLY H 54 -9.32 -2.14 -7.98
N PHE H 55 -9.91 -1.64 -9.05
CA PHE H 55 -9.21 -1.47 -10.32
C PHE H 55 -8.78 -0.03 -10.53
N ALA H 56 -9.73 0.91 -10.45
CA ALA H 56 -9.48 2.26 -10.96
C ALA H 56 -8.33 2.92 -10.22
N LEU H 57 -8.53 3.22 -8.94
CA LEU H 57 -7.46 3.79 -8.13
C LEU H 57 -6.39 2.77 -7.79
N SER H 58 -6.44 1.60 -8.42
CA SER H 58 -5.36 0.63 -8.36
C SER H 58 -4.50 0.64 -9.61
N GLU H 59 -4.93 1.33 -10.66
CA GLU H 59 -4.16 1.41 -11.90
C GLU H 59 -3.53 2.78 -12.13
N ALA H 60 -4.09 3.82 -11.51
CA ALA H 60 -3.56 5.17 -11.67
C ALA H 60 -2.06 5.26 -11.40
N THR H 61 -1.56 4.49 -10.44
CA THR H 61 -0.11 4.44 -10.21
C THR H 61 0.64 4.18 -11.50
N GLY H 62 0.30 3.09 -12.20
CA GLY H 62 0.90 2.83 -13.49
C GLY H 62 0.74 4.00 -14.45
N LEU H 63 -0.45 4.62 -14.45
CA LEU H 63 -0.66 5.82 -15.25
C LEU H 63 0.44 6.84 -14.98
N PHE H 64 0.70 7.12 -13.70
CA PHE H 64 1.78 8.03 -13.31
C PHE H 64 3.03 7.77 -14.13
N CYS H 65 3.45 6.50 -14.18
CA CYS H 65 4.64 6.14 -14.93
C CYS H 65 4.63 6.77 -16.32
N LEU H 66 3.65 6.41 -17.14
CA LEU H 66 3.71 6.90 -18.51
C LEU H 66 3.42 8.39 -18.62
N MET H 67 2.74 9.00 -17.65
CA MET H 67 2.61 10.45 -17.77
C MET H 67 3.95 11.11 -17.51
N VAL H 68 4.78 10.53 -16.64
CA VAL H 68 6.19 10.89 -16.62
C VAL H 68 6.78 10.69 -18.02
N SER H 69 6.59 9.50 -18.59
CA SER H 69 7.01 9.20 -19.94
C SER H 69 6.24 10.00 -20.98
N PHE H 70 5.29 10.82 -20.57
CA PHE H 70 4.65 11.76 -21.50
C PHE H 70 5.26 13.15 -21.39
N LEU H 71 5.75 13.53 -20.21
CA LEU H 71 6.28 14.87 -20.03
C LEU H 71 7.77 14.96 -20.32
N LEU H 72 8.54 13.93 -19.96
CA LEU H 72 9.95 13.91 -20.32
C LEU H 72 10.15 13.56 -21.78
N LEU H 73 9.13 12.98 -22.42
CA LEU H 73 9.21 12.68 -23.84
C LEU H 73 8.97 13.94 -24.68
N PHE H 74 7.81 14.58 -24.49
CA PHE H 74 7.45 15.75 -25.27
C PHE H 74 8.00 17.03 -24.64
N GLY H 75 7.62 17.31 -23.40
CA GLY H 75 8.06 18.53 -22.73
C GLY H 75 9.48 18.45 -22.22
N GLN I 2 25.59 21.62 -19.02
CA GLN I 2 24.69 20.96 -19.95
C GLN I 2 24.71 19.45 -19.73
N LEU I 3 25.25 19.05 -18.59
CA LEU I 3 25.30 17.65 -18.18
C LEU I 3 24.46 17.37 -16.95
N VAL I 4 24.27 18.35 -16.08
CA VAL I 4 23.54 18.12 -14.83
C VAL I 4 22.04 17.99 -15.09
N LEU I 5 21.49 18.73 -16.04
CA LEU I 5 20.04 18.66 -16.29
C LEU I 5 19.66 17.37 -17.01
N ALA I 6 20.51 16.90 -17.92
CA ALA I 6 20.28 15.59 -18.53
C ALA I 6 20.32 14.50 -17.47
N ALA I 7 21.24 14.62 -16.51
CA ALA I 7 21.32 13.63 -15.45
C ALA I 7 20.10 13.70 -14.53
N LYS I 8 19.62 14.91 -14.22
CA LYS I 8 18.38 15.02 -13.46
C LYS I 8 17.22 14.39 -14.20
N TYR I 9 17.17 14.56 -15.52
CA TYR I 9 16.07 13.96 -16.30
C TYR I 9 16.15 12.44 -16.26
N ILE I 10 17.33 11.86 -16.51
CA ILE I 10 17.44 10.41 -16.46
C ILE I 10 17.28 9.87 -15.05
N GLY I 11 17.55 10.70 -14.03
CA GLY I 11 17.27 10.28 -12.66
C GLY I 11 15.78 10.25 -12.38
N ALA I 12 15.05 11.25 -12.87
CA ALA I 12 13.60 11.19 -12.82
C ALA I 12 13.07 9.98 -13.57
N GLY I 13 13.79 9.56 -14.63
CA GLY I 13 13.40 8.35 -15.33
C GLY I 13 13.60 7.10 -14.51
N ILE I 14 14.81 6.93 -13.94
CA ILE I 14 15.13 5.73 -13.18
C ILE I 14 14.29 5.64 -11.91
N SER I 15 14.00 6.77 -11.26
CA SER I 15 13.23 6.74 -10.02
C SER I 15 11.74 6.55 -10.26
N THR I 16 11.32 6.44 -11.52
CA THR I 16 9.90 6.32 -11.82
C THR I 16 9.37 4.91 -11.55
N ILE I 17 10.24 3.90 -11.64
CA ILE I 17 9.79 2.52 -11.55
C ILE I 17 9.58 2.14 -10.09
N GLY I 18 9.71 3.11 -9.19
CA GLY I 18 9.38 2.88 -7.80
C GLY I 18 7.90 2.68 -7.54
N LEU I 19 7.04 3.17 -8.44
CA LEU I 19 5.60 2.95 -8.30
C LEU I 19 5.22 1.51 -8.58
N LEU I 20 6.15 0.69 -9.07
CA LEU I 20 5.94 -0.76 -9.12
C LEU I 20 5.49 -1.31 -7.78
N GLY I 21 6.01 -0.75 -6.69
CA GLY I 21 5.67 -1.26 -5.37
C GLY I 21 4.18 -1.14 -5.06
N ALA I 22 3.61 0.04 -5.28
CA ALA I 22 2.18 0.22 -5.04
C ALA I 22 1.35 -0.67 -5.96
N GLY I 23 1.71 -0.73 -7.25
CA GLY I 23 0.98 -1.55 -8.19
C GLY I 23 0.97 -3.03 -7.84
N ILE I 24 2.03 -3.50 -7.19
CA ILE I 24 2.04 -4.89 -6.73
C ILE I 24 1.32 -5.02 -5.39
N GLY I 25 1.42 -4.00 -4.55
CA GLY I 25 0.93 -4.09 -3.19
C GLY I 25 -0.56 -3.93 -3.03
N ILE I 26 -1.12 -2.80 -3.47
CA ILE I 26 -2.55 -2.58 -3.29
C ILE I 26 -3.39 -3.65 -3.99
N ALA I 27 -2.81 -4.30 -5.00
CA ALA I 27 -3.53 -5.31 -5.75
C ALA I 27 -3.86 -6.51 -4.88
N ILE I 28 -2.85 -7.09 -4.21
CA ILE I 28 -3.11 -8.22 -3.34
C ILE I 28 -3.99 -7.82 -2.16
N VAL I 29 -3.99 -6.55 -1.77
CA VAL I 29 -4.91 -6.10 -0.72
C VAL I 29 -6.35 -6.23 -1.19
N PHE I 30 -6.65 -5.68 -2.37
CA PHE I 30 -8.00 -5.85 -2.91
C PHE I 30 -8.30 -7.31 -3.20
N ALA I 31 -7.28 -8.10 -3.55
CA ALA I 31 -7.49 -9.51 -3.82
C ALA I 31 -7.91 -10.25 -2.55
N ALA I 32 -7.19 -10.04 -1.46
CA ALA I 32 -7.56 -10.63 -0.19
C ALA I 32 -8.91 -10.13 0.28
N LEU I 33 -9.24 -8.86 0.00
CA LEU I 33 -10.56 -8.34 0.36
C LEU I 33 -11.67 -9.10 -0.38
N ILE I 34 -11.50 -9.29 -1.69
CA ILE I 34 -12.49 -10.02 -2.46
C ILE I 34 -12.59 -11.47 -1.98
N ASN I 35 -11.45 -12.09 -1.67
CA ASN I 35 -11.46 -13.47 -1.21
C ASN I 35 -12.14 -13.60 0.14
N GLY I 36 -11.93 -12.61 1.02
CA GLY I 36 -12.54 -12.67 2.34
C GLY I 36 -14.04 -12.40 2.32
N VAL I 37 -14.48 -11.45 1.50
CA VAL I 37 -15.91 -11.21 1.35
C VAL I 37 -16.59 -12.32 0.56
N SER I 38 -15.84 -13.10 -0.23
CA SER I 38 -16.43 -14.19 -1.00
C SER I 38 -16.82 -15.35 -0.10
N ARG I 39 -15.93 -15.75 0.82
CA ARG I 39 -16.21 -16.86 1.73
C ARG I 39 -16.93 -16.42 2.99
N ASN I 40 -17.25 -15.14 3.12
CA ASN I 40 -17.97 -14.63 4.28
C ASN I 40 -18.68 -13.34 3.88
N PRO I 41 -19.92 -13.43 3.37
CA PRO I 41 -20.56 -12.23 2.82
C PRO I 41 -20.87 -11.16 3.86
N SER I 42 -21.15 -11.55 5.10
CA SER I 42 -21.64 -10.62 6.12
C SER I 42 -20.53 -10.14 7.04
N ILE I 43 -19.32 -9.95 6.53
CA ILE I 43 -18.22 -9.44 7.34
C ILE I 43 -17.54 -8.30 6.60
N LYS I 44 -18.03 -8.00 5.39
CA LYS I 44 -17.38 -6.99 4.54
C LYS I 44 -17.20 -5.68 5.29
N ASP I 45 -18.22 -5.24 6.02
CA ASP I 45 -18.11 -4.02 6.82
C ASP I 45 -16.87 -4.08 7.71
N THR I 46 -16.77 -5.13 8.54
CA THR I 46 -15.65 -5.28 9.45
C THR I 46 -14.31 -5.22 8.72
N VAL I 47 -14.28 -5.56 7.43
CA VAL I 47 -13.04 -5.59 6.67
C VAL I 47 -13.02 -4.57 5.56
N PHE I 48 -14.01 -3.68 5.47
CA PHE I 48 -13.99 -2.74 4.35
C PHE I 48 -12.98 -1.62 4.61
N PRO I 49 -12.97 -0.96 5.77
CA PRO I 49 -11.91 0.02 6.02
C PRO I 49 -10.53 -0.62 6.12
N MET I 50 -10.39 -1.65 6.96
CA MET I 50 -9.09 -2.28 7.20
C MET I 50 -8.38 -2.67 5.92
N ALA I 51 -9.13 -2.95 4.84
CA ALA I 51 -8.50 -3.17 3.55
C ALA I 51 -8.03 -1.86 2.95
N ILE I 52 -8.98 -0.95 2.68
CA ILE I 52 -8.63 0.32 2.04
C ILE I 52 -7.68 1.13 2.91
N LEU I 53 -7.76 0.97 4.24
CA LEU I 53 -6.75 1.53 5.13
C LEU I 53 -5.35 1.15 4.64
N GLY I 54 -5.08 -0.15 4.55
CA GLY I 54 -3.81 -0.60 4.00
C GLY I 54 -3.54 -0.04 2.63
N PHE I 55 -4.59 0.14 1.81
CA PHE I 55 -4.44 0.82 0.54
C PHE I 55 -3.74 2.16 0.72
N ALA I 56 -4.31 3.03 1.55
CA ALA I 56 -3.73 4.34 1.79
C ALA I 56 -2.34 4.27 2.42
N LEU I 57 -1.90 3.08 2.83
CA LEU I 57 -0.54 2.92 3.33
C LEU I 57 0.41 2.47 2.23
N SER I 58 -0.07 1.66 1.28
CA SER I 58 0.78 1.22 0.18
C SER I 58 0.79 2.24 -0.96
N GLU I 59 -0.40 2.70 -1.36
CA GLU I 59 -0.51 3.76 -2.36
C GLU I 59 0.43 4.91 -2.03
N ALA I 60 0.38 5.39 -0.78
CA ALA I 60 1.23 6.51 -0.37
C ALA I 60 2.70 6.22 -0.64
N THR I 61 3.15 4.99 -0.36
CA THR I 61 4.54 4.64 -0.63
C THR I 61 4.87 4.83 -2.11
N GLY I 62 3.98 4.38 -3.00
CA GLY I 62 4.14 4.72 -4.41
C GLY I 62 4.19 6.22 -4.62
N LEU I 63 3.25 6.95 -4.01
CA LEU I 63 3.23 8.40 -4.07
C LEU I 63 4.51 9.03 -3.53
N PHE I 64 5.39 8.25 -2.89
CA PHE I 64 6.71 8.75 -2.56
C PHE I 64 7.59 8.85 -3.79
N CYS I 65 7.77 7.74 -4.50
CA CYS I 65 8.82 7.67 -5.51
C CYS I 65 8.73 8.82 -6.50
N LEU I 66 7.59 8.94 -7.19
CA LEU I 66 7.47 9.96 -8.23
C LEU I 66 7.63 11.38 -7.69
N MET I 67 7.23 11.65 -6.44
CA MET I 67 7.44 13.02 -5.95
C MET I 67 8.92 13.26 -5.70
N VAL I 68 9.64 12.24 -5.25
CA VAL I 68 11.09 12.34 -5.20
C VAL I 68 11.64 12.51 -6.61
N SER I 69 10.93 11.96 -7.60
CA SER I 69 11.26 12.26 -9.00
C SER I 69 10.96 13.72 -9.31
N PHE I 70 9.82 14.22 -8.84
CA PHE I 70 9.41 15.58 -9.18
C PHE I 70 10.41 16.62 -8.66
N LEU I 71 10.76 16.54 -7.38
CA LEU I 71 11.79 17.39 -6.82
C LEU I 71 13.17 17.09 -7.40
N LEU I 72 13.33 15.95 -8.09
CA LEU I 72 14.52 15.70 -8.88
C LEU I 72 14.36 16.15 -10.32
N LEU I 73 13.12 16.25 -10.80
CA LEU I 73 12.85 16.73 -12.15
C LEU I 73 12.99 18.25 -12.25
N PHE I 74 12.71 18.98 -11.18
CA PHE I 74 12.79 20.43 -11.21
C PHE I 74 13.85 20.95 -10.24
N GLN J 2 31.21 20.40 -11.75
CA GLN J 2 29.91 20.38 -12.41
C GLN J 2 29.58 18.99 -12.91
N LEU J 3 30.14 17.99 -12.24
CA LEU J 3 29.95 16.58 -12.59
C LEU J 3 29.49 15.75 -11.41
N VAL J 4 29.93 16.08 -10.19
CA VAL J 4 29.60 15.25 -9.03
C VAL J 4 28.16 15.49 -8.59
N LEU J 5 27.62 16.70 -8.80
CA LEU J 5 26.24 16.95 -8.40
C LEU J 5 25.26 16.20 -9.27
N ALA J 6 25.54 16.08 -10.57
CA ALA J 6 24.70 15.27 -11.44
C ALA J 6 24.74 13.81 -11.00
N ALA J 7 25.92 13.34 -10.57
CA ALA J 7 26.04 11.96 -10.14
C ALA J 7 25.28 11.70 -8.84
N LYS J 8 25.37 12.63 -7.88
CA LYS J 8 24.58 12.46 -6.66
C LYS J 8 23.10 12.60 -6.93
N TYR J 9 22.70 13.38 -7.94
CA TYR J 9 21.29 13.44 -8.32
C TYR J 9 20.82 12.08 -8.85
N ILE J 10 21.56 11.49 -9.79
CA ILE J 10 21.14 10.21 -10.31
C ILE J 10 21.28 9.12 -9.26
N GLY J 11 22.15 9.32 -8.27
CA GLY J 11 22.25 8.38 -7.17
C GLY J 11 21.04 8.43 -6.25
N ALA J 12 20.54 9.64 -5.99
CA ALA J 12 19.25 9.75 -5.34
C ALA J 12 18.15 9.14 -6.18
N GLY J 13 18.31 9.20 -7.51
CA GLY J 13 17.34 8.57 -8.39
C GLY J 13 17.30 7.05 -8.24
N ILE J 14 18.45 6.39 -8.36
CA ILE J 14 18.52 4.94 -8.18
C ILE J 14 18.14 4.55 -6.76
N SER J 15 18.55 5.32 -5.77
CA SER J 15 18.19 5.04 -4.38
C SER J 15 16.78 5.51 -4.03
N THR J 16 15.95 5.82 -5.04
CA THR J 16 14.57 6.18 -4.76
C THR J 16 13.67 4.95 -4.82
N ILE J 17 13.99 4.00 -5.70
CA ILE J 17 13.15 2.84 -5.93
C ILE J 17 13.37 1.77 -4.85
N GLY J 18 14.28 2.01 -3.91
CA GLY J 18 14.48 1.08 -2.81
C GLY J 18 13.27 0.92 -1.93
N LEU J 19 12.35 1.88 -1.94
CA LEU J 19 11.08 1.74 -1.25
C LEU J 19 10.13 0.78 -1.94
N LEU J 20 10.62 0.06 -2.95
CA LEU J 20 9.80 -0.93 -3.65
C LEU J 20 9.13 -1.89 -2.66
N GLY J 21 9.90 -2.42 -1.71
CA GLY J 21 9.32 -3.28 -0.70
C GLY J 21 8.28 -2.58 0.15
N ALA J 22 8.51 -1.31 0.47
CA ALA J 22 7.50 -0.53 1.17
C ALA J 22 6.20 -0.47 0.38
N GLY J 23 6.29 -0.52 -0.95
CA GLY J 23 5.09 -0.57 -1.76
C GLY J 23 4.44 -1.94 -1.74
N ILE J 24 5.22 -3.00 -1.56
CA ILE J 24 4.69 -4.35 -1.59
C ILE J 24 4.49 -4.90 -0.17
N GLY J 25 5.57 -4.96 0.60
CA GLY J 25 5.59 -5.63 1.89
C GLY J 25 4.41 -5.36 2.79
N ILE J 26 4.28 -4.11 3.25
CA ILE J 26 3.17 -3.75 4.14
C ILE J 26 1.86 -4.32 3.63
N ALA J 27 1.60 -4.19 2.32
CA ALA J 27 0.34 -4.62 1.76
C ALA J 27 0.07 -6.09 2.04
N ILE J 28 1.04 -6.97 1.74
CA ILE J 28 0.78 -8.38 1.92
C ILE J 28 0.52 -8.70 3.38
N VAL J 29 1.10 -7.93 4.31
CA VAL J 29 0.73 -8.07 5.71
C VAL J 29 -0.78 -7.92 5.86
N PHE J 30 -1.31 -6.77 5.46
CA PHE J 30 -2.75 -6.57 5.47
C PHE J 30 -3.48 -7.68 4.71
N ALA J 31 -2.88 -8.21 3.66
CA ALA J 31 -3.49 -9.33 2.95
C ALA J 31 -3.83 -10.45 3.92
N ALA J 32 -2.81 -10.95 4.65
CA ALA J 32 -3.07 -11.97 5.65
C ALA J 32 -4.04 -11.47 6.72
N LEU J 33 -3.95 -10.18 7.08
CA LEU J 33 -4.93 -9.61 8.00
C LEU J 33 -6.33 -9.80 7.47
N ILE J 34 -6.55 -9.50 6.18
CA ILE J 34 -7.86 -9.72 5.59
C ILE J 34 -8.17 -11.21 5.54
N ASN J 35 -7.13 -12.04 5.34
CA ASN J 35 -7.31 -13.47 5.42
C ASN J 35 -7.35 -13.98 6.86
N GLY J 36 -7.05 -13.12 7.83
CA GLY J 36 -7.06 -13.52 9.22
C GLY J 36 -8.38 -13.25 9.91
N VAL J 37 -8.86 -12.01 9.81
CA VAL J 37 -10.08 -11.63 10.51
C VAL J 37 -11.34 -12.11 9.78
N SER J 38 -11.30 -12.22 8.45
CA SER J 38 -12.44 -12.74 7.72
C SER J 38 -12.65 -14.22 7.94
N ARG J 39 -11.60 -14.95 8.32
CA ARG J 39 -11.77 -16.36 8.69
C ARG J 39 -12.36 -16.48 10.09
N ASN J 40 -11.68 -15.91 11.08
CA ASN J 40 -12.16 -15.89 12.45
C ASN J 40 -12.45 -14.44 12.84
N PRO J 41 -13.71 -14.05 13.00
CA PRO J 41 -14.02 -12.64 13.29
C PRO J 41 -13.50 -12.18 14.63
N SER J 42 -13.71 -12.98 15.68
CA SER J 42 -13.40 -12.53 17.03
C SER J 42 -11.93 -12.69 17.37
N ILE J 43 -11.05 -12.21 16.49
CA ILE J 43 -9.63 -12.08 16.81
C ILE J 43 -9.17 -10.72 16.32
N LYS J 44 -10.14 -9.88 15.94
CA LYS J 44 -9.83 -8.59 15.33
C LYS J 44 -8.94 -7.73 16.24
N ASP J 45 -9.42 -7.45 17.45
CA ASP J 45 -8.67 -6.63 18.40
C ASP J 45 -7.47 -7.37 18.98
N THR J 46 -7.19 -8.59 18.54
CA THR J 46 -6.01 -9.33 18.92
C THR J 46 -4.93 -9.32 17.85
N VAL J 47 -5.33 -9.38 16.58
CA VAL J 47 -4.35 -9.38 15.50
C VAL J 47 -4.07 -7.97 14.98
N PHE J 48 -5.02 -7.05 15.10
CA PHE J 48 -4.80 -5.70 14.61
C PHE J 48 -3.74 -4.93 15.41
N PRO J 49 -3.68 -5.01 16.75
CA PRO J 49 -2.60 -4.29 17.46
C PRO J 49 -1.22 -4.72 17.05
N MET J 50 -1.01 -5.99 16.71
CA MET J 50 0.27 -6.42 16.18
C MET J 50 0.36 -6.25 14.67
N ALA J 51 -0.78 -6.18 13.97
CA ALA J 51 -0.73 -5.87 12.55
C ALA J 51 -0.19 -4.47 12.30
N ILE J 52 -0.63 -3.49 13.09
CA ILE J 52 -0.09 -2.15 12.93
C ILE J 52 1.37 -2.10 13.37
N LEU J 53 1.77 -2.95 14.32
CA LEU J 53 3.18 -3.02 14.71
C LEU J 53 4.03 -3.60 13.60
N GLY J 54 3.51 -4.62 12.91
CA GLY J 54 4.20 -5.14 11.75
C GLY J 54 4.29 -4.13 10.63
N PHE J 55 3.23 -3.35 10.43
CA PHE J 55 3.29 -2.25 9.47
C PHE J 55 4.36 -1.24 9.83
N ALA J 56 4.46 -0.90 11.11
CA ALA J 56 5.49 0.06 11.55
C ALA J 56 6.88 -0.50 11.30
N LEU J 57 7.11 -1.76 11.67
CA LEU J 57 8.42 -2.38 11.44
C LEU J 57 8.70 -2.60 9.94
N SER J 58 7.65 -2.62 9.11
CA SER J 58 7.82 -2.79 7.68
C SER J 58 8.14 -1.49 6.96
N GLU J 59 7.47 -0.39 7.34
CA GLU J 59 7.78 0.91 6.78
C GLU J 59 9.00 1.57 7.43
N ALA J 60 9.46 1.03 8.56
CA ALA J 60 10.73 1.51 9.12
C ALA J 60 11.87 1.23 8.15
N THR J 61 12.14 -0.05 7.90
CA THR J 61 13.22 -0.47 7.01
C THR J 61 12.89 -0.26 5.54
N GLY J 62 11.63 -0.08 5.20
CA GLY J 62 11.23 0.25 3.84
C GLY J 62 11.34 1.72 3.51
N LEU J 63 11.93 2.51 4.40
CA LEU J 63 12.05 3.95 4.21
C LEU J 63 13.48 4.47 4.28
N PHE J 64 14.40 3.74 4.91
CA PHE J 64 15.76 4.24 5.05
C PHE J 64 16.42 4.48 3.70
N CYS J 65 16.09 3.68 2.69
CA CYS J 65 16.59 3.95 1.35
C CYS J 65 16.10 5.30 0.85
N LEU J 66 14.87 5.67 1.20
CA LEU J 66 14.34 6.96 0.76
C LEU J 66 15.06 8.12 1.43
N MET J 67 15.39 7.99 2.72
CA MET J 67 16.12 9.08 3.36
C MET J 67 17.58 9.10 2.93
N VAL J 68 18.15 7.95 2.57
CA VAL J 68 19.43 7.94 1.88
C VAL J 68 19.33 8.75 0.59
N SER J 69 18.24 8.56 -0.14
CA SER J 69 18.02 9.33 -1.37
C SER J 69 17.91 10.83 -1.07
N PHE J 70 17.19 11.19 -0.01
CA PHE J 70 17.13 12.59 0.40
C PHE J 70 18.52 13.16 0.66
N LEU J 71 19.27 12.56 1.59
CA LEU J 71 20.57 13.08 1.97
C LEU J 71 21.61 12.96 0.86
N LEU J 72 21.37 12.12 -0.15
CA LEU J 72 22.25 12.04 -1.30
C LEU J 72 21.87 13.03 -2.38
N LEU J 73 20.62 13.51 -2.37
CA LEU J 73 20.27 14.66 -3.20
C LEU J 73 20.94 15.93 -2.71
N PHE J 74 21.17 16.02 -1.40
CA PHE J 74 21.82 17.18 -0.81
C PHE J 74 23.09 16.76 -0.07
N PHE K 7 11.65 31.26 3.75
CA PHE K 7 11.33 32.62 4.15
C PHE K 7 10.27 32.65 5.24
N TYR K 8 9.15 31.96 5.01
CA TYR K 8 7.98 32.03 5.88
C TYR K 8 7.84 30.79 6.76
N PHE K 9 8.96 30.24 7.24
CA PHE K 9 8.89 29.15 8.20
C PHE K 9 8.19 29.60 9.48
N MET K 10 8.65 30.72 10.05
CA MET K 10 8.03 31.25 11.25
C MET K 10 6.56 31.56 11.03
N ASN K 11 6.24 32.18 9.89
CA ASN K 11 4.87 32.53 9.57
C ASN K 11 3.96 31.31 9.65
N GLN K 12 4.22 30.32 8.79
CA GLN K 12 3.40 29.12 8.74
C GLN K 12 3.35 28.43 10.10
N LEU K 13 4.52 28.21 10.71
CA LEU K 13 4.57 27.41 11.94
C LEU K 13 3.86 28.10 13.09
N THR K 14 4.06 29.41 13.25
CA THR K 14 3.44 30.13 14.35
C THR K 14 1.93 30.22 14.18
N TYR K 15 1.45 30.62 12.99
CA TYR K 15 0.00 30.67 12.82
C TYR K 15 -0.62 29.27 12.92
N GLY K 16 0.11 28.24 12.50
CA GLY K 16 -0.40 26.89 12.63
C GLY K 16 -0.52 26.46 14.08
N PHE K 17 0.47 26.76 14.91
CA PHE K 17 0.37 26.42 16.32
C PHE K 17 -0.71 27.23 17.02
N LEU K 18 -0.87 28.49 16.65
CA LEU K 18 -1.99 29.28 17.17
C LEU K 18 -3.31 28.59 16.87
N LEU K 19 -3.51 28.21 15.61
CA LEU K 19 -4.74 27.51 15.25
C LEU K 19 -4.87 26.15 15.92
N MET K 20 -3.74 25.47 16.17
CA MET K 20 -3.80 24.18 16.85
C MET K 20 -4.33 24.33 18.27
N ILE K 21 -3.73 25.24 19.04
CA ILE K 21 -4.23 25.47 20.40
C ILE K 21 -5.68 25.96 20.36
N THR K 22 -6.00 26.83 19.40
CA THR K 22 -7.35 27.33 19.27
C THR K 22 -8.35 26.20 19.06
N LEU K 23 -8.07 25.31 18.11
CA LEU K 23 -8.98 24.20 17.84
C LEU K 23 -9.03 23.22 18.99
N LEU K 24 -7.90 22.94 19.63
CA LEU K 24 -7.95 22.04 20.78
C LEU K 24 -8.92 22.55 21.82
N ILE K 25 -8.71 23.79 22.29
CA ILE K 25 -9.60 24.36 23.30
C ILE K 25 -11.03 24.43 22.78
N LEU K 26 -11.21 24.92 21.55
CA LEU K 26 -12.54 25.13 20.98
C LEU K 26 -13.33 23.83 20.89
N PHE K 27 -12.80 22.84 20.17
CA PHE K 27 -13.45 21.54 20.11
C PHE K 27 -13.73 20.99 21.49
N SER K 28 -12.68 20.79 22.30
CA SER K 28 -12.83 20.09 23.57
C SER K 28 -13.83 20.77 24.50
N GLN K 29 -13.98 22.09 24.39
CA GLN K 29 -14.88 22.79 25.32
C GLN K 29 -16.27 23.01 24.76
N PHE K 30 -16.46 23.03 23.44
CA PHE K 30 -17.76 23.36 22.87
C PHE K 30 -18.38 22.21 22.10
N PHE K 31 -17.64 21.59 21.18
CA PHE K 31 -18.28 20.91 20.07
C PHE K 31 -18.41 19.40 20.26
N LEU K 32 -17.49 18.78 20.98
CA LEU K 32 -17.73 17.40 21.41
C LEU K 32 -18.84 17.33 22.45
N PRO K 33 -18.82 18.13 23.53
CA PRO K 33 -19.89 18.00 24.53
C PRO K 33 -21.24 18.50 24.04
N MET K 34 -21.30 19.40 23.06
CA MET K 34 -22.62 19.82 22.57
C MET K 34 -23.36 18.69 21.87
N ILE K 35 -22.63 17.75 21.28
CA ILE K 35 -23.26 16.57 20.70
C ILE K 35 -23.41 15.46 21.75
N LEU K 36 -22.49 15.39 22.71
CA LEU K 36 -22.71 14.50 23.84
C LEU K 36 -24.00 14.85 24.58
N ARG K 37 -24.37 16.13 24.59
CA ARG K 37 -25.66 16.53 25.15
C ARG K 37 -26.80 15.89 24.40
N LEU K 38 -26.73 15.86 23.07
CA LEU K 38 -27.77 15.21 22.29
C LEU K 38 -27.84 13.72 22.58
N TYR K 39 -26.67 13.08 22.68
CA TYR K 39 -26.64 11.67 23.06
C TYR K 39 -27.34 11.45 24.39
N VAL K 40 -26.97 12.23 25.41
CA VAL K 40 -27.53 12.06 26.74
C VAL K 40 -29.03 12.35 26.74
N SER K 41 -29.47 13.36 25.99
CA SER K 41 -30.90 13.66 25.95
C SER K 41 -31.69 12.53 25.31
N ARG K 42 -31.19 11.99 24.20
CA ARG K 42 -31.88 10.87 23.56
C ARG K 42 -31.93 9.66 24.49
N LEU K 43 -30.82 9.34 25.14
CA LEU K 43 -30.80 8.17 26.01
C LEU K 43 -31.63 8.38 27.27
N PHE K 44 -31.77 9.62 27.73
CA PHE K 44 -32.57 9.90 28.90
C PHE K 44 -34.06 9.89 28.58
N ILE K 45 -34.43 10.30 27.36
CA ILE K 45 -35.83 10.17 26.96
C ILE K 45 -36.17 8.72 26.68
N SER K 46 -35.21 7.92 26.20
CA SER K 46 -35.44 6.50 25.97
C SER K 46 -35.59 5.75 27.29
N LYS K 47 -34.58 5.85 28.15
CA LYS K 47 -34.62 5.16 29.44
C LYS K 47 -35.70 5.71 30.35
N LEU K 48 -35.89 7.04 30.35
CA LEU K 48 -36.84 7.72 31.22
C LEU K 48 -36.57 7.42 32.70
N LEU L 26 -0.22 40.37 5.94
CA LEU L 26 -1.10 39.20 5.86
C LEU L 26 -0.53 38.19 4.89
N THR L 27 -0.76 36.91 5.18
CA THR L 27 -0.23 35.81 4.37
C THR L 27 -1.38 34.95 3.87
N THR L 28 -1.20 34.40 2.66
CA THR L 28 -2.18 33.47 2.12
C THR L 28 -2.38 32.28 3.05
N PHE L 29 -1.31 31.83 3.71
CA PHE L 29 -1.43 30.69 4.61
C PHE L 29 -2.21 31.05 5.86
N SER L 30 -1.96 32.24 6.42
CA SER L 30 -2.74 32.67 7.59
C SER L 30 -4.22 32.83 7.22
N LEU L 31 -4.50 33.41 6.05
CA LEU L 31 -5.89 33.52 5.63
C LEU L 31 -6.50 32.15 5.39
N TYR L 32 -5.69 31.17 4.97
CA TYR L 32 -6.19 29.81 4.84
C TYR L 32 -6.51 29.21 6.20
N THR L 33 -5.71 29.54 7.22
CA THR L 33 -6.02 29.10 8.57
C THR L 33 -7.34 29.69 9.05
N ILE L 34 -7.55 30.99 8.78
CA ILE L 34 -8.84 31.60 9.09
C ILE L 34 -9.96 30.91 8.32
N ILE L 35 -9.72 30.53 7.06
CA ILE L 35 -10.73 29.79 6.30
C ILE L 35 -11.06 28.48 6.98
N VAL L 36 -10.03 27.75 7.43
CA VAL L 36 -10.26 26.47 8.10
C VAL L 36 -11.11 26.67 9.35
N LEU L 37 -10.76 27.67 10.16
CA LEU L 37 -11.53 27.93 11.37
C LEU L 37 -12.97 28.30 11.06
N LEU L 38 -13.18 29.14 10.03
CA LEU L 38 -14.53 29.54 9.67
C LEU L 38 -15.35 28.36 9.15
N VAL L 39 -14.72 27.47 8.39
CA VAL L 39 -15.43 26.29 7.89
C VAL L 39 -15.79 25.36 9.04
N ILE L 40 -14.87 25.17 9.98
CA ILE L 40 -15.16 24.34 11.15
C ILE L 40 -16.32 24.92 11.93
N THR L 41 -16.34 26.24 12.13
CA THR L 41 -17.50 26.87 12.74
C THR L 41 -18.76 26.70 11.89
N SER L 42 -18.62 26.69 10.56
CA SER L 42 -19.71 26.51 9.62
C SER L 42 -20.13 25.06 9.49
N LEU L 43 -19.52 24.14 10.23
CA LEU L 43 -19.98 22.77 10.29
C LEU L 43 -20.83 22.44 11.50
N TYR L 44 -20.85 23.30 12.52
CA TYR L 44 -21.63 23.02 13.72
C TYR L 44 -22.60 24.14 14.07
N THR L 45 -22.14 25.40 13.98
CA THR L 45 -22.94 26.51 14.49
C THR L 45 -24.20 26.73 13.66
N LEU L 46 -24.04 27.05 12.37
CA LEU L 46 -25.19 27.12 11.48
C LEU L 46 -25.85 25.77 11.27
N THR L 47 -25.13 24.69 11.52
CA THR L 47 -25.71 23.35 11.39
C THR L 47 -26.84 23.14 12.39
N ASN L 48 -26.63 23.52 13.64
CA ASN L 48 -27.59 23.23 14.69
C ASN L 48 -28.86 24.05 14.49
N ASN L 49 -29.95 23.38 14.16
CA ASN L 49 -31.26 24.02 14.12
C ASN L 49 -31.79 24.21 15.53
N ASN L 50 -31.50 25.39 16.11
CA ASN L 50 -31.89 25.85 17.44
C ASN L 50 -31.95 24.73 18.47
N ASN L 51 -30.91 23.89 18.51
CA ASN L 51 -30.76 22.85 19.51
C ASN L 51 -31.91 21.84 19.46
N LYS L 52 -32.11 21.25 18.28
CA LYS L 52 -33.15 20.26 18.08
C LYS L 52 -32.62 18.85 18.34
N ILE L 53 -33.45 18.02 18.95
CA ILE L 53 -33.05 16.65 19.24
C ILE L 53 -33.03 15.81 17.97
N ILE L 54 -33.86 16.17 16.99
CA ILE L 54 -34.11 15.32 15.83
C ILE L 54 -32.86 15.08 15.01
N GLY L 55 -31.86 15.96 15.11
CA GLY L 55 -30.62 15.72 14.42
C GLY L 55 -30.70 15.86 12.92
N SER L 56 -30.85 17.10 12.44
CA SER L 56 -31.05 17.39 11.03
C SER L 56 -29.92 16.86 10.15
N ARG L 57 -30.12 16.90 8.83
CA ARG L 57 -29.20 16.26 7.90
C ARG L 57 -27.78 16.79 8.04
N TRP L 58 -27.62 18.12 8.10
CA TRP L 58 -26.30 18.70 8.27
C TRP L 58 -25.61 18.23 9.54
N LEU L 59 -26.37 17.84 10.55
CA LEU L 59 -25.79 17.34 11.79
C LEU L 59 -25.40 15.88 11.68
N ILE L 60 -26.00 15.13 10.75
CA ILE L 60 -25.71 13.70 10.62
C ILE L 60 -24.28 13.47 10.17
N SER L 61 -23.71 14.40 9.39
CA SER L 61 -22.32 14.26 8.96
C SER L 61 -21.38 14.25 10.17
N GLN L 62 -21.49 15.27 11.02
CA GLN L 62 -20.66 15.32 12.21
C GLN L 62 -21.02 14.21 13.19
N GLU L 63 -22.28 13.78 13.21
CA GLU L 63 -22.67 12.61 13.99
C GLU L 63 -21.87 11.39 13.57
N ALA L 64 -21.80 11.14 12.26
CA ALA L 64 -21.08 9.98 11.76
C ALA L 64 -19.58 10.11 12.01
N ILE L 65 -19.03 11.31 11.86
CA ILE L 65 -17.62 11.51 12.14
C ILE L 65 -17.32 11.22 13.61
N TYR L 66 -18.13 11.79 14.51
CA TYR L 66 -17.96 11.54 15.94
C TYR L 66 -18.04 10.05 16.24
N ASP L 67 -19.02 9.35 15.67
CA ASP L 67 -19.18 7.93 15.98
C ASP L 67 -18.04 7.09 15.41
N THR L 68 -17.57 7.39 14.20
CA THR L 68 -16.50 6.61 13.61
C THR L 68 -15.15 6.91 14.23
N ILE L 69 -14.99 8.03 14.93
CA ILE L 69 -13.76 8.25 15.67
C ILE L 69 -13.90 7.63 17.05
N MET L 70 -15.12 7.69 17.61
CA MET L 70 -15.37 7.12 18.92
C MET L 70 -15.16 5.61 18.94
N ASN L 71 -15.89 4.89 18.09
CA ASN L 71 -15.74 3.44 18.02
C ASN L 71 -14.39 3.00 17.49
N MET L 72 -13.62 3.92 16.91
CA MET L 72 -12.25 3.61 16.52
C MET L 72 -11.33 3.66 17.73
N THR L 73 -11.24 4.82 18.38
CA THR L 73 -10.35 4.98 19.52
C THR L 73 -10.80 4.16 20.74
N LYS L 74 -12.04 3.69 20.78
CA LYS L 74 -12.45 2.79 21.85
C LYS L 74 -11.74 1.44 21.73
N GLY L 75 -11.80 0.85 20.54
CA GLY L 75 -11.16 -0.41 20.28
C GLY L 75 -9.66 -0.34 20.04
N GLN L 76 -9.12 0.85 19.77
CA GLN L 76 -7.68 0.95 19.57
C GLN L 76 -6.92 0.88 20.89
N ILE L 77 -7.12 1.85 21.77
CA ILE L 77 -6.38 1.89 23.03
C ILE L 77 -7.04 1.05 24.13
N GLY L 78 -8.37 0.96 24.13
CA GLY L 78 -9.09 0.03 24.98
C GLY L 78 -8.80 0.11 26.47
N GLY L 79 -8.27 1.25 26.92
CA GLY L 79 -7.95 1.40 28.33
C GLY L 79 -9.17 1.71 29.17
N LYS L 80 -9.03 1.45 30.47
CA LYS L 80 -10.10 1.78 31.41
C LYS L 80 -10.40 3.27 31.41
N ASN L 81 -9.37 4.10 31.22
CA ASN L 81 -9.53 5.54 31.04
C ASN L 81 -9.00 5.90 29.66
N TRP L 82 -9.85 5.75 28.65
CA TRP L 82 -9.46 5.90 27.27
C TRP L 82 -9.96 7.18 26.62
N GLY L 83 -11.12 7.68 27.06
CA GLY L 83 -11.70 8.87 26.46
C GLY L 83 -10.99 10.16 26.83
N LEU L 84 -10.08 10.13 27.80
CA LEU L 84 -9.38 11.35 28.21
C LEU L 84 -8.62 11.98 27.05
N TYR L 85 -8.03 11.16 26.19
CA TYR L 85 -7.33 11.66 25.01
C TYR L 85 -8.22 11.67 23.78
N PHE L 86 -9.52 11.41 23.94
CA PHE L 86 -10.44 11.49 22.81
C PHE L 86 -10.59 12.87 22.20
N PRO L 87 -10.43 13.99 22.93
CA PRO L 87 -10.47 15.29 22.24
C PRO L 87 -9.41 15.43 21.16
N MET L 88 -8.15 15.17 21.48
CA MET L 88 -7.08 15.41 20.52
C MET L 88 -7.24 14.55 19.27
N ILE L 89 -7.50 13.25 19.44
CA ILE L 89 -7.69 12.36 18.30
C ILE L 89 -8.80 12.89 17.39
N PHE L 90 -9.68 13.75 17.92
CA PHE L 90 -10.67 14.39 17.08
C PHE L 90 -10.09 15.62 16.39
N THR L 91 -9.47 16.52 17.16
CA THR L 91 -8.98 17.77 16.59
C THR L 91 -7.80 17.58 15.66
N LEU L 92 -7.05 16.48 15.81
CA LEU L 92 -6.02 16.18 14.82
C LEU L 92 -6.63 15.66 13.53
N PHE L 93 -7.83 15.08 13.60
CA PHE L 93 -8.48 14.58 12.40
C PHE L 93 -9.14 15.71 11.62
N MET L 94 -10.00 16.48 12.30
CA MET L 94 -10.77 17.53 11.61
C MET L 94 -9.85 18.51 10.90
N PHE L 95 -8.80 18.98 11.57
CA PHE L 95 -7.83 19.86 10.91
C PHE L 95 -7.34 19.24 9.60
N ILE L 96 -6.94 17.97 9.65
CA ILE L 96 -6.50 17.31 8.44
C ILE L 96 -7.67 17.00 7.52
N PHE L 97 -8.85 16.76 8.08
CA PHE L 97 -10.01 16.47 7.24
C PHE L 97 -10.52 17.73 6.55
N ILE L 98 -10.29 18.90 7.14
CA ILE L 98 -10.78 20.15 6.55
C ILE L 98 -9.71 20.83 5.71
N ALA L 99 -8.47 20.89 6.20
CA ALA L 99 -7.40 21.52 5.44
C ALA L 99 -7.05 20.75 4.18
N ASN L 100 -7.53 19.52 4.02
CA ASN L 100 -7.33 18.76 2.79
C ASN L 100 -8.61 18.67 1.96
N LEU L 101 -9.67 19.38 2.35
CA LEU L 101 -10.86 19.51 1.53
C LEU L 101 -11.14 20.95 1.12
N ILE L 102 -10.37 21.91 1.64
CA ILE L 102 -10.50 23.29 1.18
C ILE L 102 -9.63 23.53 -0.05
N SER L 103 -8.38 23.07 0.00
CA SER L 103 -7.49 23.20 -1.15
C SER L 103 -7.91 22.33 -2.32
N MET L 104 -8.95 21.51 -2.17
CA MET L 104 -9.48 20.74 -3.29
C MET L 104 -10.05 21.63 -4.38
N ILE L 105 -10.47 22.85 -4.02
CA ILE L 105 -10.93 23.80 -5.03
C ILE L 105 -9.78 24.12 -5.98
N PRO L 106 -9.99 24.12 -7.30
CA PRO L 106 -8.87 24.33 -8.24
C PRO L 106 -8.11 25.62 -8.00
N TYR L 107 -8.80 26.75 -8.09
CA TYR L 107 -8.16 28.06 -7.93
C TYR L 107 -7.95 28.33 -6.45
N SER L 108 -6.96 27.68 -5.88
CA SER L 108 -6.57 27.87 -4.49
C SER L 108 -5.09 27.58 -4.37
N PHE L 109 -4.60 27.43 -3.14
CA PHE L 109 -3.22 27.04 -2.89
C PHE L 109 -3.20 25.93 -1.85
N ALA L 110 -2.23 25.04 -1.99
CA ALA L 110 -2.17 23.87 -1.12
C ALA L 110 -1.86 24.28 0.32
N LEU L 111 -2.66 23.75 1.26
CA LEU L 111 -2.47 24.07 2.66
C LEU L 111 -1.53 23.09 3.34
N SER L 112 -1.73 21.80 3.13
CA SER L 112 -0.98 20.76 3.82
C SER L 112 0.18 20.21 3.02
N ALA L 113 0.39 20.69 1.78
CA ALA L 113 1.50 20.20 0.99
C ALA L 113 2.86 20.71 1.49
N HIS L 114 2.86 21.67 2.41
CA HIS L 114 4.11 22.16 2.99
C HIS L 114 4.67 21.08 3.91
N LEU L 115 5.77 20.45 3.48
CA LEU L 115 6.38 19.39 4.28
C LEU L 115 6.88 19.93 5.62
N VAL L 116 7.32 21.18 5.66
CA VAL L 116 7.88 21.74 6.88
C VAL L 116 6.85 21.71 8.00
N PHE L 117 5.67 22.28 7.75
CA PHE L 117 4.67 22.40 8.81
C PHE L 117 4.12 21.03 9.23
N ILE L 118 3.89 20.14 8.26
CA ILE L 118 3.32 18.83 8.60
C ILE L 118 4.33 18.01 9.39
N ILE L 119 5.60 18.01 8.96
CA ILE L 119 6.62 17.29 9.71
C ILE L 119 6.82 17.92 11.08
N SER L 120 6.69 19.25 11.19
CA SER L 120 6.78 19.88 12.49
C SER L 120 5.65 19.46 13.41
N LEU L 121 4.43 19.37 12.88
CA LEU L 121 3.30 18.87 13.67
C LEU L 121 3.54 17.44 14.12
N SER L 122 4.06 16.59 13.22
CA SER L 122 4.36 15.21 13.58
C SER L 122 5.40 15.15 14.69
N ILE L 123 6.44 15.98 14.59
CA ILE L 123 7.48 16.00 15.61
C ILE L 123 6.93 16.50 16.94
N VAL L 124 6.03 17.49 16.89
CA VAL L 124 5.39 17.98 18.10
C VAL L 124 4.62 16.85 18.78
N ILE L 125 3.81 16.12 18.00
CA ILE L 125 3.02 15.04 18.59
C ILE L 125 3.91 13.94 19.14
N TRP L 126 4.99 13.61 18.42
CA TRP L 126 5.89 12.56 18.87
C TRP L 126 6.60 12.95 20.16
N LEU L 127 7.13 14.17 20.22
CA LEU L 127 7.82 14.62 21.42
C LEU L 127 6.85 14.75 22.59
N GLY L 128 5.62 15.17 22.33
CA GLY L 128 4.63 15.20 23.38
C GLY L 128 4.31 13.82 23.93
N ASN L 129 4.20 12.83 23.04
CA ASN L 129 3.98 11.47 23.50
C ASN L 129 5.17 10.97 24.32
N THR L 130 6.39 11.29 23.89
CA THR L 130 7.57 10.87 24.65
C THR L 130 7.58 11.51 26.03
N ILE L 131 7.31 12.81 26.12
CA ILE L 131 7.30 13.47 27.41
C ILE L 131 6.18 12.93 28.29
N LEU L 132 5.02 12.64 27.72
CA LEU L 132 3.93 12.04 28.48
C LEU L 132 4.33 10.69 29.04
N GLY L 133 4.93 9.83 28.22
CA GLY L 133 5.38 8.54 28.69
C GLY L 133 6.46 8.63 29.76
N LEU L 134 7.38 9.60 29.61
CA LEU L 134 8.43 9.76 30.61
C LEU L 134 7.87 10.25 31.94
N TYR L 135 6.91 11.19 31.88
CA TYR L 135 6.30 11.68 33.10
C TYR L 135 5.39 10.65 33.75
N LYS L 136 4.84 9.71 32.98
CA LYS L 136 3.93 8.72 33.53
C LYS L 136 4.62 7.44 34.00
N HIS L 137 5.77 7.09 33.41
CA HIS L 137 6.38 5.80 33.72
C HIS L 137 7.86 5.93 34.06
N GLY L 138 8.45 7.10 33.83
CA GLY L 138 9.84 7.33 34.16
C GLY L 138 10.83 6.38 33.51
N TRP L 139 11.46 5.53 34.30
CA TRP L 139 12.49 4.63 33.79
C TRP L 139 11.91 3.50 32.95
N VAL L 140 10.78 2.93 33.39
CA VAL L 140 10.24 1.72 32.75
C VAL L 140 9.57 2.02 31.42
N PHE L 141 9.46 3.30 31.03
CA PHE L 141 8.84 3.62 29.75
C PHE L 141 9.60 3.01 28.58
N PHE L 142 10.91 2.80 28.72
CA PHE L 142 11.72 2.18 27.69
C PHE L 142 11.55 0.66 27.64
N SER L 143 10.55 0.13 28.34
CA SER L 143 10.19 -1.28 28.22
C SER L 143 9.43 -1.57 26.93
N LEU L 144 9.07 -0.54 26.17
CA LEU L 144 8.43 -0.75 24.87
C LEU L 144 9.40 -1.39 23.89
N PHE L 145 10.69 -1.14 24.07
CA PHE L 145 11.72 -1.61 23.13
C PHE L 145 12.04 -3.09 23.29
N VAL L 146 11.45 -3.76 24.29
CA VAL L 146 11.56 -5.20 24.42
C VAL L 146 10.17 -5.81 24.28
N PRO L 147 9.73 -6.13 23.06
CA PRO L 147 8.35 -6.56 22.84
C PRO L 147 7.97 -7.84 23.58
N ALA L 148 8.72 -8.91 23.37
CA ALA L 148 8.38 -10.20 23.96
C ALA L 148 9.67 -11.00 24.15
N GLY L 149 9.51 -12.29 24.46
CA GLY L 149 10.63 -13.17 24.72
C GLY L 149 11.57 -13.36 23.56
N THR L 150 12.84 -13.04 23.75
CA THR L 150 13.89 -13.21 22.76
C THR L 150 15.09 -13.88 23.40
N PRO L 151 15.88 -14.61 22.62
CA PRO L 151 17.11 -15.21 23.18
C PRO L 151 18.12 -14.14 23.56
N LEU L 152 19.02 -14.52 24.46
CA LEU L 152 19.96 -13.56 25.03
C LEU L 152 20.87 -12.91 23.99
N PRO L 153 21.58 -13.66 23.11
CA PRO L 153 22.60 -13.02 22.26
C PRO L 153 22.08 -11.96 21.30
N LEU L 154 20.77 -11.72 21.30
CA LEU L 154 20.19 -10.69 20.44
C LEU L 154 19.21 -9.79 21.17
N VAL L 155 19.30 -9.72 22.52
CA VAL L 155 18.40 -8.83 23.26
C VAL L 155 18.62 -7.37 22.89
N PRO L 156 19.85 -6.83 22.85
CA PRO L 156 20.00 -5.43 22.40
C PRO L 156 19.71 -5.24 20.91
N LEU L 157 19.97 -6.25 20.08
CA LEU L 157 19.81 -6.11 18.63
C LEU L 157 18.39 -5.67 18.29
N LEU L 158 17.39 -6.43 18.74
CA LEU L 158 16.01 -6.07 18.48
C LEU L 158 15.68 -4.67 18.97
N VAL L 159 16.36 -4.20 20.02
CA VAL L 159 16.12 -2.86 20.53
C VAL L 159 16.61 -1.81 19.53
N ILE L 160 17.77 -2.11 18.94
CA ILE L 160 18.43 -1.24 17.99
C ILE L 160 17.53 -0.67 16.91
N ILE L 161 17.06 -1.54 16.01
CA ILE L 161 16.19 -1.13 14.90
C ILE L 161 15.03 -0.27 15.37
N GLU L 162 14.41 -0.68 16.48
CA GLU L 162 13.33 0.09 17.06
C GLU L 162 13.92 1.33 17.69
N THR L 163 15.18 1.24 18.11
CA THR L 163 15.87 2.39 18.71
C THR L 163 15.85 3.51 17.70
N LEU L 164 16.26 3.20 16.47
CA LEU L 164 16.28 4.17 15.38
C LEU L 164 14.89 4.25 14.77
N SER L 165 14.12 3.16 14.90
CA SER L 165 12.77 3.13 14.32
C SER L 165 11.82 4.03 15.11
N TYR L 166 12.08 4.17 16.41
CA TYR L 166 11.23 5.01 17.24
C TYR L 166 11.19 6.41 16.69
N PHE L 167 12.33 6.92 16.24
CA PHE L 167 12.32 8.29 15.73
C PHE L 167 12.03 8.36 14.23
N ALA L 168 12.32 7.30 13.47
CA ALA L 168 11.81 7.22 12.11
C ALA L 168 10.29 7.17 12.10
N ARG L 169 9.68 6.62 13.15
CA ARG L 169 8.24 6.76 13.34
C ARG L 169 7.82 8.22 13.36
N ALA L 170 8.67 9.08 13.93
CA ALA L 170 8.33 10.51 14.03
C ALA L 170 8.34 11.17 12.66
N ILE L 171 9.46 11.07 11.94
CA ILE L 171 9.60 11.81 10.70
C ILE L 171 8.64 11.26 9.63
N SER L 172 8.43 9.95 9.60
CA SER L 172 7.57 9.37 8.56
C SER L 172 6.11 9.74 8.77
N LEU L 173 5.64 9.73 10.03
CA LEU L 173 4.22 9.91 10.33
C LEU L 173 3.64 11.10 9.56
N GLY L 174 4.32 12.24 9.60
CA GLY L 174 3.88 13.36 8.79
C GLY L 174 4.35 13.29 7.36
N LEU L 175 5.61 12.88 7.14
CA LEU L 175 6.21 12.94 5.82
C LEU L 175 5.38 12.19 4.79
N ARG L 176 4.58 11.24 5.24
CA ARG L 176 3.73 10.48 4.34
C ARG L 176 2.60 11.33 3.78
N LEU L 177 1.84 11.96 4.67
CA LEU L 177 0.69 12.75 4.24
C LEU L 177 1.11 13.95 3.40
N GLY L 178 2.10 14.73 3.89
CA GLY L 178 2.64 15.79 3.08
C GLY L 178 3.08 15.32 1.71
N SER L 179 3.92 14.28 1.67
CA SER L 179 4.40 13.78 0.40
C SER L 179 3.25 13.26 -0.46
N ASN L 180 2.12 12.92 0.17
CA ASN L 180 0.92 12.64 -0.60
C ASN L 180 0.33 13.93 -1.16
N ILE L 181 0.07 14.90 -0.28
CA ILE L 181 -0.59 16.14 -0.70
C ILE L 181 0.25 16.86 -1.73
N LEU L 182 1.55 17.00 -1.48
CA LEU L 182 2.45 17.62 -2.45
C LEU L 182 2.43 16.85 -3.77
N ALA L 183 2.30 15.52 -3.71
CA ALA L 183 2.25 14.75 -4.93
C ALA L 183 0.87 14.83 -5.57
N GLY L 184 -0.15 15.21 -4.80
CA GLY L 184 -1.49 15.28 -5.35
C GLY L 184 -1.73 16.56 -6.14
N HIS L 185 -1.68 17.71 -5.48
CA HIS L 185 -1.99 18.98 -6.14
C HIS L 185 -1.10 19.21 -7.34
N LEU L 186 0.22 19.10 -7.16
CA LEU L 186 1.14 19.21 -8.28
C LEU L 186 0.74 18.31 -9.43
N LEU L 187 0.32 17.07 -9.12
CA LEU L 187 -0.21 16.19 -10.15
C LEU L 187 -1.33 16.86 -10.93
N MET L 188 -2.38 17.31 -10.23
CA MET L 188 -3.51 17.95 -10.88
C MET L 188 -3.06 19.18 -11.68
N VAL L 189 -1.90 19.73 -11.34
CA VAL L 189 -1.37 20.82 -12.15
C VAL L 189 -0.70 20.28 -13.41
N ILE L 190 0.22 19.33 -13.24
CA ILE L 190 1.07 18.90 -14.36
C ILE L 190 0.22 18.37 -15.50
N LEU L 191 -0.55 17.32 -15.26
CA LEU L 191 -1.42 16.78 -16.30
C LEU L 191 -2.42 17.81 -16.82
N ALA L 192 -2.76 18.83 -16.02
CA ALA L 192 -3.54 19.94 -16.55
C ALA L 192 -2.87 20.54 -17.77
N GLY L 193 -1.60 20.96 -17.61
CA GLY L 193 -0.83 21.41 -18.75
C GLY L 193 -0.81 20.39 -19.88
N LEU L 194 -0.85 19.10 -19.54
CA LEU L 194 -1.02 18.06 -20.54
C LEU L 194 -2.21 18.38 -21.44
N THR L 195 -3.40 18.45 -20.85
CA THR L 195 -4.59 18.79 -21.63
C THR L 195 -4.53 20.21 -22.16
N PHE L 196 -3.63 21.04 -21.62
CA PHE L 196 -3.38 22.34 -22.24
C PHE L 196 -2.48 22.19 -23.45
N ASN L 197 -1.42 21.39 -23.32
CA ASN L 197 -0.53 21.15 -24.46
C ASN L 197 -1.12 20.14 -25.44
N PHE L 198 -2.28 19.56 -25.14
CA PHE L 198 -2.91 18.59 -26.02
C PHE L 198 -3.93 19.24 -26.95
N MET L 199 -4.35 20.47 -26.66
CA MET L 199 -5.42 21.12 -27.43
C MET L 199 -4.99 22.48 -27.97
N LEU L 200 -3.69 22.69 -28.17
CA LEU L 200 -3.19 23.85 -28.88
C LEU L 200 -2.49 23.48 -30.19
N ILE L 201 -2.26 22.20 -30.43
CA ILE L 201 -1.84 21.71 -31.74
C ILE L 201 -3.10 21.63 -32.60
N ASN L 202 -2.93 21.36 -33.89
CA ASN L 202 -3.99 21.43 -34.90
C ASN L 202 -5.34 20.94 -34.39
N LEU L 203 -6.41 21.63 -34.79
CA LEU L 203 -7.74 21.47 -34.20
C LEU L 203 -8.24 20.02 -34.25
N PHE L 204 -7.65 19.18 -35.10
CA PHE L 204 -8.05 17.78 -35.17
C PHE L 204 -7.88 17.03 -33.86
N THR L 205 -7.20 17.63 -32.87
CA THR L 205 -7.07 17.03 -31.55
C THR L 205 -8.35 17.15 -30.72
N LEU L 206 -9.32 17.94 -31.18
CA LEU L 206 -10.58 18.06 -30.45
C LEU L 206 -11.40 16.78 -30.48
N VAL L 207 -11.16 15.91 -31.44
CA VAL L 207 -11.86 14.63 -31.53
C VAL L 207 -11.23 13.65 -30.56
N PHE L 208 -12.05 12.81 -29.94
CA PHE L 208 -11.64 11.82 -28.92
C PHE L 208 -10.67 12.42 -27.91
N GLY L 209 -10.83 13.69 -27.61
CA GLY L 209 -10.00 14.35 -26.61
C GLY L 209 -10.69 14.44 -25.26
N PHE L 210 -11.54 13.47 -24.97
CA PHE L 210 -12.32 13.48 -23.74
C PHE L 210 -11.75 12.57 -22.66
N VAL L 211 -11.04 11.50 -23.03
CA VAL L 211 -10.51 10.57 -22.05
C VAL L 211 -9.43 11.19 -21.16
N PRO L 212 -8.67 12.22 -21.58
CA PRO L 212 -7.85 12.92 -20.59
C PRO L 212 -8.68 13.73 -19.61
N LEU L 213 -9.82 14.25 -20.04
CA LEU L 213 -10.70 14.97 -19.12
C LEU L 213 -11.24 14.03 -18.05
N ALA L 214 -11.72 12.86 -18.46
CA ALA L 214 -12.14 11.85 -17.50
C ALA L 214 -10.98 11.32 -16.67
N MET L 215 -9.76 11.33 -17.23
CA MET L 215 -8.59 10.93 -16.45
C MET L 215 -8.31 11.94 -15.33
N ILE L 216 -8.43 13.23 -15.62
CA ILE L 216 -8.28 14.24 -14.56
C ILE L 216 -9.42 14.14 -13.56
N LEU L 217 -10.62 13.79 -14.03
CA LEU L 217 -11.73 13.52 -13.13
C LEU L 217 -11.39 12.40 -12.16
N ALA L 218 -10.81 11.31 -12.67
CA ALA L 218 -10.37 10.21 -11.81
C ALA L 218 -9.22 10.64 -10.90
N ILE L 219 -8.37 11.56 -11.36
CA ILE L 219 -7.32 12.10 -10.52
C ILE L 219 -7.92 12.82 -9.32
N MET L 220 -8.97 13.63 -9.56
CA MET L 220 -9.64 14.30 -8.44
C MET L 220 -10.36 13.29 -7.54
N MET L 221 -10.93 12.24 -8.13
CA MET L 221 -11.49 11.15 -7.35
C MET L 221 -10.47 10.56 -6.39
N LEU L 222 -9.27 10.24 -6.90
CA LEU L 222 -8.22 9.70 -6.06
C LEU L 222 -7.67 10.73 -5.09
N GLU L 223 -7.82 12.00 -5.46
CA GLU L 223 -7.36 13.10 -4.64
C GLU L 223 -8.19 13.10 -3.37
N PHE L 224 -9.52 13.10 -3.51
CA PHE L 224 -10.39 13.11 -2.35
C PHE L 224 -10.09 11.94 -1.43
N ALA L 225 -9.73 10.79 -1.99
CA ALA L 225 -9.28 9.67 -1.17
C ALA L 225 -7.99 10.00 -0.44
N ILE L 226 -6.96 10.44 -1.18
CA ILE L 226 -5.68 10.76 -0.56
C ILE L 226 -5.79 11.90 0.44
N GLY L 227 -6.91 12.61 0.46
CA GLY L 227 -7.20 13.50 1.57
C GLY L 227 -7.86 12.82 2.75
N ILE L 228 -9.05 12.25 2.52
CA ILE L 228 -9.87 11.77 3.63
C ILE L 228 -9.27 10.51 4.25
N ILE L 229 -8.97 9.51 3.41
CA ILE L 229 -8.45 8.25 3.93
C ILE L 229 -7.07 8.45 4.53
N GLN L 230 -6.29 9.41 4.03
CA GLN L 230 -5.01 9.71 4.66
C GLN L 230 -5.19 10.40 6.00
N GLY L 231 -6.22 11.24 6.14
CA GLY L 231 -6.55 11.76 7.46
C GLY L 231 -6.93 10.64 8.43
N TYR L 232 -7.65 9.66 7.91
CA TYR L 232 -8.02 8.51 8.73
C TYR L 232 -6.72 7.84 9.16
N VAL L 233 -5.85 7.61 8.20
CA VAL L 233 -4.57 6.96 8.47
C VAL L 233 -3.82 7.69 9.57
N TRP L 234 -3.73 9.02 9.46
CA TRP L 234 -3.12 9.82 10.52
C TRP L 234 -3.76 9.50 11.86
N ALA L 235 -5.10 9.52 11.90
CA ALA L 235 -5.81 9.28 13.15
C ALA L 235 -5.49 7.90 13.72
N ILE L 236 -5.52 6.86 12.87
CA ILE L 236 -5.33 5.51 13.38
C ILE L 236 -3.88 5.29 13.83
N LEU L 237 -2.90 5.82 13.09
CA LEU L 237 -1.52 5.65 13.51
C LEU L 237 -1.23 6.42 14.79
N THR L 238 -1.73 7.64 14.92
CA THR L 238 -1.48 8.35 16.17
C THR L 238 -2.27 7.74 17.33
N ALA L 239 -3.41 7.10 17.08
CA ALA L 239 -4.10 6.38 18.14
C ALA L 239 -3.27 5.19 18.63
N SER L 240 -2.72 4.42 17.69
CA SER L 240 -1.84 3.33 18.08
C SER L 240 -0.62 3.84 18.83
N TYR L 241 -0.10 5.01 18.43
CA TYR L 241 1.08 5.56 19.08
C TYR L 241 0.78 6.05 20.49
N LEU L 242 -0.39 6.67 20.69
CA LEU L 242 -0.80 7.01 22.05
C LEU L 242 -1.01 5.75 22.90
N LYS L 243 -1.53 4.69 22.29
CA LYS L 243 -1.65 3.43 23.04
C LYS L 243 -0.28 2.94 23.48
N ASP L 244 0.70 2.96 22.58
CA ASP L 244 2.04 2.51 22.93
C ASP L 244 2.70 3.42 23.95
N ALA L 245 2.38 4.72 23.92
CA ALA L 245 3.01 5.68 24.81
C ALA L 245 2.38 5.72 26.19
N VAL L 246 1.11 5.35 26.33
CA VAL L 246 0.42 5.37 27.60
C VAL L 246 0.54 4.03 28.32
N TYR L 247 0.43 2.93 27.60
CA TYR L 247 0.48 1.59 28.17
C TYR L 247 1.76 0.89 27.74
N LEU L 248 2.28 0.04 28.64
CA LEU L 248 3.50 -0.71 28.38
C LEU L 248 3.14 -2.11 27.90
N HIS L 249 2.71 -2.18 26.63
CA HIS L 249 2.30 -3.43 26.00
C HIS L 249 1.23 -4.15 26.81
N ASN M 53 -7.10 29.46 -20.91
CA ASN M 53 -6.26 29.34 -19.72
C ASN M 53 -5.98 27.86 -19.43
N ASP M 54 -4.85 27.59 -18.77
CA ASP M 54 -4.48 26.23 -18.45
C ASP M 54 -5.38 25.66 -17.36
N GLU M 55 -5.47 26.37 -16.23
CA GLU M 55 -6.19 25.87 -15.07
C GLU M 55 -7.70 25.88 -15.25
N SER M 56 -8.22 26.54 -16.29
CA SER M 56 -9.66 26.53 -16.54
C SER M 56 -10.17 25.12 -16.83
N ILE M 57 -9.32 24.27 -17.42
CA ILE M 57 -9.70 22.89 -17.65
C ILE M 57 -9.94 22.18 -16.32
N LEU M 58 -9.15 22.52 -15.30
CA LEU M 58 -9.36 21.94 -13.98
C LEU M 58 -10.68 22.40 -13.38
N LEU M 59 -11.04 23.66 -13.60
CA LEU M 59 -12.35 24.13 -13.15
C LEU M 59 -13.48 23.43 -13.89
N LEU M 60 -13.29 23.12 -15.17
CA LEU M 60 -14.30 22.35 -15.89
C LEU M 60 -14.40 20.93 -15.34
N THR M 61 -13.26 20.31 -15.01
CA THR M 61 -13.31 19.00 -14.37
C THR M 61 -14.06 19.06 -13.05
N PHE M 62 -13.83 20.11 -12.25
CA PHE M 62 -14.54 20.24 -10.98
C PHE M 62 -16.03 20.47 -11.20
N LEU M 63 -16.40 21.23 -12.23
CA LEU M 63 -17.82 21.41 -12.54
C LEU M 63 -18.47 20.09 -12.92
N GLY M 64 -17.84 19.31 -13.80
CA GLY M 64 -18.37 18.01 -14.16
C GLY M 64 -18.47 17.07 -12.97
N PHE M 65 -17.47 17.10 -12.09
CA PHE M 65 -17.52 16.27 -10.90
C PHE M 65 -18.69 16.64 -10.01
N THR M 66 -18.88 17.94 -9.73
CA THR M 66 -19.96 18.36 -8.87
C THR M 66 -21.32 18.12 -9.53
N GLY M 67 -21.38 18.15 -10.87
CA GLY M 67 -22.59 17.73 -11.54
C GLY M 67 -22.90 16.26 -11.30
N LEU M 68 -21.89 15.40 -11.45
CA LEU M 68 -22.06 13.99 -11.13
C LEU M 68 -22.47 13.81 -9.67
N VAL M 69 -21.92 14.64 -8.78
CA VAL M 69 -22.27 14.56 -7.36
C VAL M 69 -23.75 14.87 -7.17
N ALA M 70 -24.19 16.05 -7.62
CA ALA M 70 -25.59 16.42 -7.51
C ALA M 70 -26.51 15.45 -8.24
N LYS M 71 -25.98 14.67 -9.18
CA LYS M 71 -26.81 13.69 -9.88
C LYS M 71 -26.93 12.38 -9.12
N TYR M 72 -25.85 11.93 -8.46
CA TYR M 72 -25.81 10.60 -7.87
C TYR M 72 -25.75 10.62 -6.34
N LEU M 73 -24.79 11.35 -5.76
CA LEU M 73 -24.54 11.25 -4.32
C LEU M 73 -25.56 12.03 -3.52
N ALA M 74 -26.00 13.19 -4.03
CA ALA M 74 -26.94 14.04 -3.31
C ALA M 74 -28.24 13.31 -2.98
N PRO M 75 -28.91 12.64 -3.94
CA PRO M 75 -30.13 11.91 -3.58
C PRO M 75 -29.87 10.68 -2.72
N ALA M 76 -28.73 9.99 -2.92
CA ALA M 76 -28.42 8.84 -2.09
C ALA M 76 -28.17 9.27 -0.65
N TYR M 77 -27.39 10.34 -0.45
CA TYR M 77 -27.18 10.86 0.89
C TYR M 77 -28.48 11.38 1.49
N LYS M 78 -29.34 11.97 0.66
CA LYS M 78 -30.65 12.40 1.14
C LYS M 78 -31.47 11.23 1.65
N ASP M 79 -31.48 10.12 0.89
CA ASP M 79 -32.23 8.94 1.30
C ASP M 79 -31.66 8.32 2.57
N PHE M 80 -30.33 8.28 2.69
CA PHE M 80 -29.71 7.75 3.89
C PHE M 80 -30.07 8.60 5.11
N ALA M 81 -29.95 9.92 4.96
CA ALA M 81 -30.30 10.81 6.06
C ALA M 81 -31.77 10.70 6.42
N ASP M 82 -32.64 10.54 5.43
CA ASP M 82 -34.06 10.40 5.71
C ASP M 82 -34.37 9.08 6.41
N ALA M 83 -33.69 8.00 6.02
CA ALA M 83 -33.89 6.72 6.69
C ALA M 83 -33.47 6.80 8.15
N ARG M 84 -32.28 7.35 8.41
CA ARG M 84 -31.84 7.51 9.80
C ARG M 84 -32.77 8.44 10.57
N MET M 85 -33.24 9.50 9.92
CA MET M 85 -34.14 10.45 10.55
C MET M 85 -35.43 9.75 10.97
N LYS M 86 -36.01 8.96 10.06
CA LYS M 86 -37.25 8.26 10.36
C LYS M 86 -37.05 7.23 11.47
N LYS M 87 -35.93 6.51 11.44
CA LYS M 87 -35.67 5.52 12.49
C LYS M 87 -35.57 6.20 13.85
N VAL M 88 -34.77 7.27 13.94
CA VAL M 88 -34.58 7.95 15.22
C VAL M 88 -35.90 8.54 15.71
N SER M 89 -36.66 9.18 14.82
CA SER M 89 -37.92 9.79 15.23
C SER M 89 -38.93 8.74 15.66
N ASP M 90 -38.97 7.60 14.95
CA ASP M 90 -39.92 6.55 15.32
C ASP M 90 -39.58 5.95 16.67
N VAL M 91 -38.30 5.70 16.94
CA VAL M 91 -37.94 5.15 18.24
C VAL M 91 -38.17 6.18 19.34
N LEU M 92 -37.90 7.45 19.06
CA LEU M 92 -38.14 8.50 20.05
C LEU M 92 -39.62 8.62 20.38
N ASN M 93 -40.49 8.45 19.37
CA ASN M 93 -41.92 8.50 19.63
C ASN M 93 -42.39 7.24 20.36
N ALA M 94 -41.83 6.08 20.00
CA ALA M 94 -42.22 4.84 20.66
C ALA M 94 -41.83 4.81 22.13
N SER M 95 -40.71 5.45 22.47
CA SER M 95 -40.32 5.54 23.88
C SER M 95 -41.40 6.26 24.69
N ARG M 96 -41.84 7.43 24.23
CA ARG M 96 -42.88 8.16 24.93
C ARG M 96 -44.22 7.43 24.89
N ASN M 97 -44.49 6.71 23.80
CA ASN M 97 -45.73 5.95 23.71
C ASN M 97 -45.77 4.84 24.76
N LYS M 98 -44.68 4.07 24.88
CA LYS M 98 -44.59 3.06 25.91
C LYS M 98 -44.60 3.66 27.31
N HIS M 99 -44.00 4.83 27.49
CA HIS M 99 -44.06 5.51 28.78
C HIS M 99 -45.50 5.87 29.15
N VAL M 100 -46.26 6.41 28.19
CA VAL M 100 -47.65 6.75 28.46
C VAL M 100 -48.47 5.49 28.70
N GLU M 101 -48.19 4.41 27.99
CA GLU M 101 -48.90 3.15 28.23
C GLU M 101 -48.64 2.61 29.63
N ALA M 102 -47.38 2.64 30.07
CA ALA M 102 -47.06 2.19 31.42
C ALA M 102 -47.60 3.12 32.49
N VAL M 103 -47.74 4.42 32.19
CA VAL M 103 -48.36 5.33 33.15
C VAL M 103 -49.85 5.07 33.24
N LYS M 104 -50.51 4.76 32.12
CA LYS M 104 -51.93 4.44 32.15
C LYS M 104 -52.20 3.07 32.77
N ASP M 105 -51.24 2.14 32.68
CA ASP M 105 -51.43 0.84 33.30
C ASP M 105 -51.29 0.89 34.81
N ARG M 106 -50.71 1.96 35.34
CA ARG M 106 -50.52 2.11 36.78
C ARG M 106 -51.74 2.74 37.43
N GLU N 107 -58.31 5.89 51.92
CA GLU N 107 -59.39 5.97 50.96
C GLU N 107 -59.23 7.18 50.04
N SER N 108 -58.72 8.28 50.61
CA SER N 108 -58.50 9.48 49.82
C SER N 108 -57.17 9.44 49.07
N LEU N 109 -56.22 8.61 49.52
CA LEU N 109 -54.94 8.52 48.85
C LEU N 109 -55.09 8.05 47.41
N VAL N 110 -55.91 7.02 47.19
CA VAL N 110 -56.14 6.55 45.82
C VAL N 110 -56.95 7.57 45.02
N SER N 111 -57.89 8.27 45.65
CA SER N 111 -58.65 9.28 44.93
C SER N 111 -57.77 10.44 44.48
N LYS N 112 -56.68 10.70 45.22
CA LYS N 112 -55.72 11.72 44.80
C LYS N 112 -54.75 11.21 43.76
N GLU N 113 -54.20 10.00 43.96
CA GLU N 113 -53.21 9.44 43.06
C GLU N 113 -53.80 9.05 41.71
N LEU N 114 -55.08 8.72 41.63
CA LEU N 114 -55.68 8.42 40.34
C LEU N 114 -55.86 9.69 39.51
N LYS N 115 -56.40 10.75 40.13
CA LYS N 115 -56.56 12.01 39.41
C LYS N 115 -55.22 12.67 39.09
N ASP N 116 -54.18 12.40 39.89
CA ASP N 116 -52.85 12.91 39.55
C ASP N 116 -52.37 12.33 38.22
N LEU N 117 -52.42 10.99 38.09
CA LEU N 117 -52.03 10.37 36.82
C LEU N 117 -53.00 10.73 35.70
N GLN N 118 -54.27 10.97 36.02
CA GLN N 118 -55.21 11.40 35.00
C GLN N 118 -54.83 12.77 34.44
N SER N 119 -54.49 13.72 35.32
CA SER N 119 -54.02 15.02 34.86
C SER N 119 -52.70 14.90 34.11
N THR N 120 -51.81 14.00 34.55
CA THR N 120 -50.56 13.80 33.83
C THR N 120 -50.82 13.29 32.41
N LEU N 121 -51.74 12.34 32.26
CA LEU N 121 -52.06 11.81 30.94
C LEU N 121 -52.78 12.85 30.08
N ASP N 122 -53.62 13.69 30.69
CA ASP N 122 -54.28 14.76 29.95
C ASP N 122 -53.31 15.85 29.52
N ASN N 123 -52.24 16.08 30.29
CA ASN N 123 -51.24 17.06 29.88
C ASN N 123 -50.30 16.50 28.82
N ILE N 124 -49.91 15.22 28.96
CA ILE N 124 -48.99 14.62 28.00
C ILE N 124 -49.64 14.38 26.65
N GLN N 125 -50.98 14.30 26.60
CA GLN N 125 -51.65 14.03 25.34
C GLN N 125 -51.57 15.23 24.39
N SER N 126 -51.47 16.44 24.93
CA SER N 126 -51.44 17.64 24.12
C SER N 126 -50.12 18.38 24.20
N ALA N 127 -49.12 17.85 24.90
CA ALA N 127 -47.84 18.54 25.06
C ALA N 127 -46.66 17.66 24.70
N ARG N 128 -46.73 17.00 23.54
CA ARG N 128 -45.65 16.14 23.05
C ARG N 128 -45.14 16.67 21.71
N PRO N 129 -44.25 17.68 21.72
CA PRO N 129 -43.60 18.13 20.49
C PRO N 129 -42.33 17.34 20.19
N PHE N 130 -42.44 16.02 20.09
CA PHE N 130 -41.25 15.17 20.01
C PHE N 130 -40.49 15.40 18.71
N ASP N 131 -41.19 15.73 17.62
CA ASP N 131 -40.51 16.04 16.36
C ASP N 131 -39.90 17.43 16.34
N GLU N 132 -40.14 18.26 17.36
CA GLU N 132 -39.54 19.59 17.41
C GLU N 132 -39.09 19.96 18.81
N LEU N 133 -38.85 19.00 19.69
CA LEU N 133 -38.42 19.29 21.04
C LEU N 133 -36.98 19.81 21.06
N THR N 134 -36.72 20.72 21.99
CA THR N 134 -35.42 21.39 22.10
C THR N 134 -34.74 20.95 23.39
N VAL N 135 -33.44 20.64 23.29
CA VAL N 135 -32.67 20.26 24.46
C VAL N 135 -32.54 21.37 25.48
N ASP N 136 -32.73 22.62 25.06
CA ASP N 136 -32.74 23.72 26.02
C ASP N 136 -33.90 23.58 26.99
N ASP N 137 -35.07 23.17 26.50
CA ASP N 137 -36.21 22.93 27.38
C ASP N 137 -35.92 21.76 28.32
N LEU N 138 -35.24 20.72 27.84
CA LEU N 138 -34.88 19.60 28.70
C LEU N 138 -33.92 20.03 29.80
N THR N 139 -32.94 20.88 29.46
CA THR N 139 -32.03 21.40 30.48
C THR N 139 -32.77 22.28 31.47
N LYS N 140 -33.75 23.05 30.99
CA LYS N 140 -34.51 23.92 31.87
C LYS N 140 -35.41 23.13 32.81
N ILE N 141 -35.91 21.98 32.37
CA ILE N 141 -36.70 21.13 33.25
C ILE N 141 -35.84 20.12 34.01
N LYS N 142 -34.75 19.66 33.44
CA LYS N 142 -33.90 18.63 34.05
C LYS N 142 -32.46 19.11 34.11
N PRO N 143 -31.99 19.61 35.26
CA PRO N 143 -30.54 19.84 35.43
C PRO N 143 -29.74 18.55 35.55
N GLU N 144 -30.41 17.41 35.71
CA GLU N 144 -29.71 16.13 35.76
C GLU N 144 -28.96 15.87 34.46
N ILE N 145 -29.49 16.32 33.33
CA ILE N 145 -28.79 16.17 32.06
C ILE N 145 -27.44 16.86 32.12
N ASP N 146 -27.44 18.15 32.50
CA ASP N 146 -26.19 18.90 32.59
C ASP N 146 -25.24 18.29 33.63
N ALA N 147 -25.77 17.85 34.76
CA ALA N 147 -24.91 17.27 35.79
C ALA N 147 -24.26 15.98 35.30
N LYS N 148 -25.02 15.12 34.62
CA LYS N 148 -24.48 13.87 34.10
C LYS N 148 -23.46 14.14 33.01
N VAL N 149 -23.73 15.11 32.13
CA VAL N 149 -22.76 15.48 31.11
C VAL N 149 -21.47 15.98 31.75
N GLU N 150 -21.60 16.82 32.80
CA GLU N 150 -20.42 17.37 33.45
C GLU N 150 -19.58 16.27 34.10
N GLU N 151 -20.23 15.35 34.83
CA GLU N 151 -19.50 14.26 35.45
C GLU N 151 -18.88 13.34 34.40
N MET N 152 -19.60 13.08 33.31
CA MET N 152 -19.08 12.21 32.25
C MET N 152 -17.87 12.82 31.58
N VAL N 153 -17.85 14.14 31.42
CA VAL N 153 -16.69 14.78 30.82
C VAL N 153 -15.52 14.85 31.80
N LYS N 154 -15.80 15.14 33.07
CA LYS N 154 -14.73 15.21 34.06
C LYS N 154 -14.06 13.87 34.28
N LYS N 155 -14.83 12.78 34.32
CA LYS N 155 -14.19 11.46 34.43
C LYS N 155 -13.68 11.00 33.07
N GLY N 156 -14.35 11.39 31.99
CA GLY N 156 -13.94 11.00 30.66
C GLY N 156 -14.66 9.79 30.09
N LYS N 157 -15.89 9.51 30.53
CA LYS N 157 -16.62 8.34 30.06
C LYS N 157 -17.38 8.69 28.78
N TRP N 158 -16.61 9.12 27.78
CA TRP N 158 -17.20 9.49 26.49
C TRP N 158 -18.05 8.36 25.91
N ASP N 159 -17.79 7.12 26.31
CA ASP N 159 -18.66 6.00 25.96
C ASP N 159 -19.92 6.06 26.80
N VAL N 160 -21.07 6.20 26.14
CA VAL N 160 -22.36 6.26 26.82
C VAL N 160 -22.98 4.87 26.77
N PRO N 161 -23.02 4.14 27.88
CA PRO N 161 -23.54 2.76 27.83
C PRO N 161 -25.05 2.74 27.62
N GLY N 162 -25.52 1.63 27.07
CA GLY N 162 -26.94 1.48 26.79
C GLY N 162 -27.43 2.31 25.62
N TYR N 163 -26.53 2.81 24.79
CA TYR N 163 -26.90 3.64 23.66
C TYR N 163 -26.86 2.88 22.33
N LYS N 164 -25.85 2.04 22.13
CA LYS N 164 -25.65 1.41 20.83
C LYS N 164 -26.76 0.41 20.51
N ASP N 165 -27.38 -0.20 21.53
CA ASP N 165 -28.34 -1.26 21.28
C ASP N 165 -29.59 -0.74 20.57
N ARG N 166 -30.28 0.23 21.16
CA ARG N 166 -31.49 0.75 20.52
C ARG N 166 -31.20 1.85 19.52
N PHE N 167 -30.06 2.53 19.63
CA PHE N 167 -29.65 3.56 18.68
C PHE N 167 -28.38 3.11 17.99
N GLY N 168 -28.48 2.84 16.69
CA GLY N 168 -27.33 2.36 15.95
C GLY N 168 -26.20 3.37 15.94
N ASN N 169 -24.97 2.87 16.02
CA ASN N 169 -23.80 3.73 16.01
C ASN N 169 -23.61 4.47 14.69
N LEU N 170 -24.24 3.99 13.61
CA LEU N 170 -24.35 4.70 12.34
C LEU N 170 -23.00 5.09 11.74
N ASN N 171 -21.91 4.57 12.32
CA ASN N 171 -20.57 4.95 11.87
C ASN N 171 -20.24 4.28 10.54
N VAL N 172 -19.11 4.69 9.96
CA VAL N 172 -18.65 4.07 8.72
C VAL N 172 -18.25 2.62 8.96
N MET N 173 -17.71 2.33 10.15
CA MET N 173 -17.30 0.97 10.49
C MET N 173 -17.67 0.63 11.93
N PRO O 19 -42.95 0.93 37.43
CA PRO O 19 -43.74 1.05 38.66
C PRO O 19 -43.82 2.49 39.17
N ASN O 20 -43.34 2.71 40.40
CA ASN O 20 -43.38 4.04 40.97
C ASN O 20 -42.33 4.96 40.37
N ALA O 21 -41.16 4.41 40.01
CA ALA O 21 -40.08 5.23 39.50
C ALA O 21 -40.44 5.86 38.16
N LYS O 22 -40.95 5.05 37.23
CA LYS O 22 -41.35 5.59 35.93
C LYS O 22 -42.47 6.62 36.07
N ARG O 23 -43.38 6.39 37.01
CA ARG O 23 -44.48 7.33 37.23
C ARG O 23 -43.95 8.67 37.76
N ILE O 24 -43.13 8.63 38.82
CA ILE O 24 -42.59 9.86 39.37
C ILE O 24 -41.60 10.53 38.44
N ALA O 25 -41.10 9.80 37.44
CA ALA O 25 -40.24 10.43 36.44
C ALA O 25 -41.05 11.12 35.35
N ASN O 26 -42.06 10.44 34.81
CA ASN O 26 -42.79 11.00 33.68
C ASN O 26 -43.86 12.01 34.10
N VAL O 27 -44.25 12.05 35.39
CA VAL O 27 -45.09 13.16 35.83
C VAL O 27 -44.28 14.44 35.92
N VAL O 28 -42.96 14.33 36.06
CA VAL O 28 -42.10 15.51 36.09
C VAL O 28 -41.60 15.87 34.70
N HIS O 29 -41.40 14.88 33.83
CA HIS O 29 -40.85 15.15 32.51
C HIS O 29 -41.87 15.85 31.60
N PHE O 30 -43.16 15.77 31.93
CA PHE O 30 -44.18 16.15 30.96
C PHE O 30 -44.79 17.52 31.24
N TYR O 31 -44.83 17.96 32.49
CA TYR O 31 -45.69 19.10 32.83
C TYR O 31 -45.18 20.42 32.26
N LYS O 32 -43.87 20.57 32.10
CA LYS O 32 -43.30 21.82 31.57
C LYS O 32 -43.11 21.79 30.06
N SER O 33 -43.25 20.62 29.43
CA SER O 33 -43.09 20.53 27.99
C SER O 33 -44.13 21.38 27.27
N LEU O 34 -43.70 22.09 26.23
CA LEU O 34 -44.57 23.00 25.50
C LEU O 34 -45.61 22.20 24.71
N PRO O 35 -46.76 22.81 24.41
CA PRO O 35 -47.76 22.08 23.63
C PRO O 35 -47.12 21.39 22.43
N GLN O 36 -47.46 21.85 21.23
CA GLN O 36 -46.90 21.28 20.00
C GLN O 36 -46.34 22.37 19.10
N GLY O 37 -45.29 22.02 18.35
CA GLY O 37 -44.66 22.97 17.46
C GLY O 37 -44.24 24.21 18.20
N PRO O 38 -44.72 25.37 17.75
CA PRO O 38 -44.53 26.74 18.26
C PRO O 38 -43.07 27.09 18.57
N ALA O 39 -42.33 27.54 17.56
CA ALA O 39 -40.94 27.91 17.73
C ALA O 39 -40.48 28.82 16.60
N PRO O 40 -41.35 29.75 16.18
CA PRO O 40 -41.06 30.69 15.09
C PRO O 40 -40.07 31.79 15.49
N ALA O 41 -39.91 32.01 16.79
CA ALA O 41 -38.99 33.02 17.30
C ALA O 41 -39.16 34.38 16.63
N ILE O 42 -40.41 34.84 16.55
CA ILE O 42 -40.74 36.12 15.93
C ILE O 42 -40.10 36.30 14.56
N LYS O 43 -39.45 37.43 14.35
CA LYS O 43 -38.78 37.71 13.10
C LYS O 43 -37.33 37.25 13.14
N ALA O 44 -37.14 35.93 13.27
CA ALA O 44 -35.80 35.36 13.33
C ALA O 44 -34.96 35.80 12.14
N ASN O 45 -34.21 36.88 12.34
CA ASN O 45 -33.34 37.42 11.30
C ASN O 45 -32.29 38.34 11.89
N THR O 46 -31.16 38.46 11.21
CA THR O 46 -30.06 39.32 11.63
C THR O 46 -29.09 39.49 10.48
N ARG O 47 -29.62 39.45 9.26
CA ARG O 47 -28.87 39.58 8.01
C ARG O 47 -27.79 38.50 7.80
N LEU O 48 -28.07 37.31 8.31
CA LEU O 48 -27.17 36.15 8.24
C LEU O 48 -27.99 34.97 8.73
N ALA O 49 -28.83 35.23 9.73
CA ALA O 49 -29.68 34.21 10.32
C ALA O 49 -30.70 33.68 9.32
N ARG O 50 -31.19 34.57 8.44
CA ARG O 50 -32.13 34.19 7.41
C ARG O 50 -31.46 33.09 6.60
N TYR O 51 -30.22 33.32 6.22
CA TYR O 51 -29.45 32.32 5.49
C TYR O 51 -29.60 30.94 6.11
N LYS O 52 -29.51 30.87 7.45
CA LYS O 52 -29.68 29.59 8.14
C LYS O 52 -31.12 29.08 8.03
N ALA O 53 -32.10 29.98 8.10
CA ALA O 53 -33.49 29.54 7.98
C ALA O 53 -33.82 29.09 6.56
N LYS O 54 -33.08 29.59 5.57
CA LYS O 54 -33.34 29.22 4.18
C LYS O 54 -32.61 27.95 3.78
N TYR O 55 -31.40 27.73 4.29
CA TYR O 55 -30.57 26.62 3.84
C TYR O 55 -30.21 25.60 4.91
N PHE O 56 -30.44 25.90 6.20
CA PHE O 56 -29.83 25.11 7.26
C PHE O 56 -30.86 24.54 8.24
N ASP O 57 -32.14 24.54 7.88
CA ASP O 57 -33.16 23.95 8.74
C ASP O 57 -33.33 22.47 8.39
N GLY O 58 -34.12 21.77 9.21
CA GLY O 58 -34.41 20.37 8.95
C GLY O 58 -35.26 20.14 7.72
N ASP O 59 -35.89 21.19 7.20
CA ASP O 59 -36.74 21.07 6.02
C ASP O 59 -35.95 21.13 4.72
N ASN O 60 -35.09 22.14 4.55
CA ASN O 60 -34.32 22.26 3.31
C ASN O 60 -33.11 21.34 3.34
N ALA O 61 -32.17 21.62 4.26
CA ALA O 61 -31.00 20.77 4.51
C ALA O 61 -30.28 20.35 3.23
N SER O 62 -30.34 21.20 2.20
CA SER O 62 -29.71 20.88 0.93
C SER O 62 -28.27 21.39 0.92
N GLY O 63 -27.40 20.65 0.23
CA GLY O 63 -25.97 20.92 0.26
C GLY O 63 -25.52 22.12 -0.55
N LYS O 64 -26.45 22.82 -1.20
CA LYS O 64 -26.15 23.96 -2.06
C LYS O 64 -25.13 24.92 -1.43
N PRO O 65 -25.30 25.35 -0.16
CA PRO O 65 -24.32 26.28 0.42
C PRO O 65 -22.88 25.82 0.25
N LEU O 66 -22.58 24.53 0.48
CA LEU O 66 -21.25 24.02 0.22
C LEU O 66 -20.80 24.41 -1.18
N TRP O 67 -21.56 23.99 -2.20
CA TRP O 67 -21.28 24.43 -3.56
C TRP O 67 -21.14 25.94 -3.64
N HIS O 68 -22.10 26.68 -3.06
CA HIS O 68 -21.97 28.12 -3.01
C HIS O 68 -20.64 28.54 -2.39
N PHE O 69 -20.32 27.99 -1.22
CA PHE O 69 -19.05 28.30 -0.59
C PHE O 69 -17.88 27.96 -1.52
N ALA O 70 -17.99 26.83 -2.25
CA ALA O 70 -16.97 26.51 -3.23
C ALA O 70 -16.76 27.65 -4.21
N LEU O 71 -17.86 28.15 -4.79
CA LEU O 71 -17.77 29.30 -5.68
C LEU O 71 -17.02 30.46 -5.03
N GLY O 72 -17.26 30.69 -3.74
CA GLY O 72 -16.52 31.72 -3.03
C GLY O 72 -15.02 31.58 -3.23
N ILE O 73 -14.49 30.40 -2.90
CA ILE O 73 -13.07 30.18 -3.15
C ILE O 73 -12.77 30.28 -4.63
N ILE O 74 -13.63 29.70 -5.48
CA ILE O 74 -13.48 29.80 -6.92
C ILE O 74 -13.36 31.25 -7.34
N ALA O 75 -14.04 32.16 -6.63
CA ALA O 75 -13.86 33.58 -6.87
C ALA O 75 -12.63 34.10 -6.15
N PHE O 76 -12.52 33.80 -4.85
CA PHE O 76 -11.54 34.47 -4.00
C PHE O 76 -10.12 34.30 -4.54
N GLY O 77 -9.64 33.05 -4.58
CA GLY O 77 -8.34 32.80 -5.15
C GLY O 77 -8.19 33.39 -6.55
N TYR O 78 -9.24 33.30 -7.37
CA TYR O 78 -9.20 33.90 -8.69
C TYR O 78 -8.92 35.39 -8.59
N SER O 79 -9.65 36.09 -7.73
CA SER O 79 -9.33 37.49 -7.45
C SER O 79 -7.91 37.63 -6.95
N MET O 80 -7.50 36.74 -6.04
CA MET O 80 -6.10 36.71 -5.63
C MET O 80 -5.19 36.44 -6.82
N GLU O 81 -5.59 35.52 -7.69
CA GLU O 81 -4.92 35.38 -8.98
C GLU O 81 -4.92 36.71 -9.70
N TYR O 82 -6.09 37.33 -9.84
CA TYR O 82 -6.22 38.64 -10.46
C TYR O 82 -5.37 39.70 -9.76
N TYR O 83 -4.88 39.42 -8.56
CA TYR O 83 -4.04 40.36 -7.83
C TYR O 83 -2.58 39.97 -7.79
N PHE O 84 -2.22 38.74 -8.18
CA PHE O 84 -0.84 38.29 -8.10
C PHE O 84 -0.20 38.08 -9.47
N HIS O 85 -0.80 37.23 -10.33
CA HIS O 85 -0.13 36.84 -11.56
C HIS O 85 -0.51 37.73 -12.73
N LEU O 86 -1.80 37.85 -13.02
CA LEU O 86 -2.25 38.65 -14.16
C LEU O 86 -2.03 40.14 -13.91
N MET P 1 -26.47 30.44 22.23
CA MET P 1 -25.43 30.13 21.26
C MET P 1 -24.88 28.72 21.53
N LEU P 2 -23.75 28.66 22.23
CA LEU P 2 -23.15 27.38 22.61
C LEU P 2 -22.71 27.48 24.07
N LYS P 3 -23.27 26.62 24.92
CA LYS P 3 -22.95 26.67 26.34
C LYS P 3 -21.55 26.16 26.59
N ARG P 4 -20.74 26.96 27.28
CA ARG P 4 -19.36 26.59 27.57
C ARG P 4 -19.32 25.54 28.68
N PHE P 5 -18.58 24.47 28.46
CA PHE P 5 -18.37 23.45 29.48
C PHE P 5 -16.92 23.44 29.91
N PRO P 6 -16.63 23.44 31.21
CA PRO P 6 -15.24 23.45 31.67
C PRO P 6 -14.56 22.11 31.46
N THR P 7 -14.09 21.86 30.25
CA THR P 7 -13.43 20.59 29.97
C THR P 7 -11.93 20.73 30.15
N PRO P 8 -11.27 19.71 30.71
CA PRO P 8 -9.83 19.81 31.00
C PRO P 8 -9.00 19.80 29.73
N ILE P 9 -8.40 20.95 29.41
CA ILE P 9 -7.47 21.05 28.29
C ILE P 9 -6.03 21.30 28.74
N LEU P 10 -5.83 21.72 29.99
CA LEU P 10 -4.50 21.99 30.51
C LEU P 10 -4.01 20.87 31.43
N LYS P 11 -4.86 20.43 32.36
CA LYS P 11 -4.51 19.36 33.29
C LYS P 11 -4.59 17.98 32.65
N VAL P 12 -4.69 17.91 31.31
CA VAL P 12 -4.62 16.66 30.58
C VAL P 12 -3.57 16.70 29.47
N TYR P 13 -3.51 17.80 28.71
CA TYR P 13 -2.66 17.90 27.54
C TYR P 13 -1.44 18.80 27.75
N TRP P 14 -0.90 18.85 28.96
CA TRP P 14 0.26 19.73 29.19
C TRP P 14 1.53 19.29 28.46
N PRO P 15 1.90 18.00 28.37
CA PRO P 15 3.15 17.66 27.68
C PRO P 15 3.10 17.96 26.20
N PHE P 16 1.91 17.92 25.58
CA PHE P 16 1.79 18.24 24.17
C PHE P 16 2.10 19.72 23.92
N PHE P 17 1.58 20.60 24.78
CA PHE P 17 1.91 22.02 24.64
C PHE P 17 3.38 22.28 24.98
N VAL P 18 3.93 21.54 25.95
CA VAL P 18 5.35 21.68 26.25
C VAL P 18 6.19 21.32 25.04
N ALA P 19 5.86 20.21 24.38
CA ALA P 19 6.59 19.80 23.19
C ALA P 19 6.38 20.78 22.04
N GLY P 20 5.19 21.36 21.92
CA GLY P 20 4.97 22.38 20.92
C GLY P 20 5.86 23.59 21.12
N ALA P 21 5.97 24.05 22.37
CA ALA P 21 6.86 25.17 22.67
C ALA P 21 8.31 24.80 22.41
N ALA P 22 8.70 23.56 22.75
CA ALA P 22 10.07 23.14 22.51
C ALA P 22 10.39 23.09 21.02
N VAL P 23 9.45 22.63 20.20
CA VAL P 23 9.67 22.61 18.76
C VAL P 23 9.68 24.02 18.19
N TYR P 24 8.87 24.92 18.75
CA TYR P 24 8.92 26.31 18.33
C TYR P 24 10.30 26.91 18.61
N TYR P 25 10.86 26.61 19.78
CA TYR P 25 12.18 27.14 20.14
C TYR P 25 13.27 26.51 19.27
N GLY P 26 13.16 25.21 18.98
CA GLY P 26 14.11 24.58 18.09
C GLY P 26 14.06 25.14 16.69
N MET P 27 12.86 25.42 16.18
CA MET P 27 12.73 26.04 14.87
C MET P 27 13.22 27.48 14.90
N SER P 28 13.09 28.16 16.05
CA SER P 28 13.70 29.47 16.21
C SER P 28 15.20 29.39 16.00
N LYS P 29 15.86 28.46 16.69
CA LYS P 29 17.29 28.25 16.47
C LYS P 29 17.59 27.92 15.01
N ALA P 30 16.78 27.04 14.42
CA ALA P 30 17.06 26.55 13.07
C ALA P 30 16.96 27.66 12.03
N ALA P 31 15.91 28.48 12.11
CA ALA P 31 15.70 29.55 11.14
C ALA P 31 16.39 30.84 11.52
N ASP P 32 17.05 30.90 12.68
CA ASP P 32 17.94 32.00 12.99
C ASP P 32 19.41 31.65 12.75
N LEU P 33 19.73 30.37 12.58
CA LEU P 33 21.09 29.94 12.31
C LEU P 33 21.30 29.49 10.87
N SER P 34 20.30 28.90 10.23
CA SER P 34 20.44 28.37 8.88
C SER P 34 19.71 29.20 7.83
N SER P 35 19.38 30.45 8.14
CA SER P 35 18.71 31.32 7.19
C SER P 35 19.68 32.11 6.32
N ASN P 36 20.99 31.83 6.41
CA ASN P 36 22.00 32.52 5.64
C ASN P 36 22.51 31.68 4.47
N THR P 37 21.66 30.83 3.91
CA THR P 37 22.06 29.96 2.80
C THR P 37 21.55 30.51 1.47
#